data_4TVC
#
_entry.id   4TVC
#
_cell.length_a   68.310
_cell.length_b   100.140
_cell.length_c   186.240
_cell.angle_alpha   90.00
_cell.angle_beta   90.00
_cell.angle_gamma   90.00
#
_symmetry.space_group_name_H-M   'P 21 21 21'
#
loop_
_entity.id
_entity.type
_entity.pdbx_description
1 polymer Dextransucrase
2 branched alpha-D-glucopyranose-(1-6)-alpha-D-glucopyranose-(1-6)-alpha-D-glucopyranose
3 non-polymer 'CALCIUM ION'
4 non-polymer 'SODIUM ION'
5 non-polymer alpha-D-glucopyranose
6 non-polymer GLYCEROL
7 water water
#
_entity_poly.entity_id   1
_entity_poly.type   'polypeptide(L)'
_entity_poly.pdbx_seq_one_letter_code
;AQAGHYITKNGNDWQYDTNGELAKGLRQDSNGKLRYFDLTTGIQAKGQFVTIGQETYYFSKDHGDAQLLPMVTEGHYGTI
TLKQGQDTKTAWVYRDQNNTILKGLQNINGTLQFFDPYTGEQLKGGVAKYDDKLFYFESGKGNLVSTVAGDYQDGHYISQ
DGQTRYADKQNQLVKGLVTVNGALQYFDNATGNQIKNQQVIVDGKTYYFDDKGNGEYLFTNTLDMSTNAFSTKNVAFNHD
SSSFDHTVDGFLTADTWYRPKSILANGTTWRDSTDKDMRPLITVWWPNKNVQVNYLNFMKANGLLTTAAQYTLHSDQ
(TYI)DLNQAAQDVQVAIERRIASEHGTDWLQKLLFESQNNNPSFVKQQFIWNKDSEYHGGGDAWFQGGYLKYGNNPLTP
TTNSDYRQPGNAFDFLLANDVDNSNPVVQAENLNWLHYLMNFGTITAGQDDANFDSIRIDAVDFIHNDTIQRTYDYLRDA
YQVQQSEAKANQHISLVEAGLDAGTSTIHNDALIESNLREAATLSLTNEPGKNKPLTNMLQDVDGGTLITDHTQNSTENQ
ATPNYSIIHAHDKGVQEKVGAAITDATGADWTNFTDEQLKAGLELFYKDQRATNKKYNSYNIPSIYALMLTNKDTVPRMY
YGDMYQDDGQYMANKSIYYDALVSLMTARKSYVSGGQTMSVDNHGLLKSVRFGKDAMTANDLGTSATRTEGLGVIIGNDP
KLQLNDSDKVTLDMGAAHKNQKYRAVILTTRDGLATFNSDQAPTAWTNDQGTLTFSNQEINGQDNTQIRGVANPQVSGYL
AVWVPVGASDNQDARTAATTTENHDGKVLHSNAALDSNLIYEGFSNFQPKATTHDELTNVVIAKNADVFNNWGITSFEMA
PQYRSSGDHTFLDSTIDNGYAFTDRYDLGFNTPTKYGTDGDLRATIQALHHANMQVMADVVDNQVYNLPGKEVVSATRAG
V(IYR)GNDDATGFGTQLYVTNSVGGGQYQEKYAGQYLEALKAKYPDLFEGKAYDYWYKNYANDGSNPYYTLSHGDRESI
PADVAIKQWSAKYMNGTNVLGNGMGYVLKDWHNGQYFKLDGDKSTLPQIKGELKLEGKPIPNPLLGLDSTRTGHHHHHH
;
_entity_poly.pdbx_strand_id   A
#
# COMPACT_ATOMS: atom_id res chain seq x y z
N LYS A 24 -44.32 -15.59 32.47
CA LYS A 24 -45.49 -16.28 31.84
C LYS A 24 -45.89 -15.69 30.47
N GLY A 25 -45.12 -14.76 29.92
CA GLY A 25 -45.47 -14.28 28.59
C GLY A 25 -46.53 -13.21 28.52
N LEU A 26 -47.33 -13.28 27.46
CA LEU A 26 -48.38 -12.31 27.16
C LEU A 26 -49.61 -12.62 28.06
N ARG A 27 -50.01 -11.66 28.89
CA ARG A 27 -51.05 -11.89 29.88
C ARG A 27 -51.99 -10.70 29.94
N GLN A 28 -53.26 -11.05 30.02
CA GLN A 28 -54.36 -10.09 30.09
C GLN A 28 -54.57 -9.66 31.52
N ASP A 29 -54.80 -8.38 31.79
CA ASP A 29 -55.12 -7.93 33.14
C ASP A 29 -56.65 -7.88 33.37
N SER A 30 -57.10 -7.36 34.54
CA SER A 30 -58.52 -7.49 34.95
C SER A 30 -59.47 -6.67 34.06
N ASN A 31 -58.94 -5.65 33.39
CA ASN A 31 -59.68 -4.85 32.39
C ASN A 31 -59.44 -5.32 30.96
N GLY A 32 -58.98 -6.56 30.78
CA GLY A 32 -58.73 -7.09 29.43
C GLY A 32 -57.50 -6.56 28.65
N LYS A 33 -56.72 -5.62 29.17
CA LYS A 33 -55.54 -5.14 28.42
C LYS A 33 -54.34 -6.09 28.53
N LEU A 34 -53.56 -6.18 27.46
CA LEU A 34 -52.49 -7.17 27.37
C LEU A 34 -51.21 -6.60 27.93
N ARG A 35 -50.49 -7.38 28.73
CA ARG A 35 -49.20 -6.98 29.23
C ARG A 35 -48.23 -8.16 28.97
N TYR A 36 -46.93 -7.88 28.99
CA TYR A 36 -45.97 -8.95 28.69
C TYR A 36 -45.03 -9.11 29.83
N PHE A 37 -44.81 -10.36 30.23
CA PHE A 37 -43.80 -10.69 31.22
C PHE A 37 -42.73 -11.61 30.60
N ASP A 38 -41.45 -11.26 30.79
CA ASP A 38 -40.32 -11.96 30.15
C ASP A 38 -40.37 -13.43 30.50
N LEU A 39 -40.24 -14.29 29.47
CA LEU A 39 -40.39 -15.75 29.66
C LEU A 39 -39.35 -16.39 30.57
N THR A 40 -38.18 -15.78 30.71
CA THR A 40 -37.13 -16.26 31.59
C THR A 40 -37.16 -15.54 32.94
N THR A 41 -37.19 -14.21 32.96
CA THR A 41 -37.12 -13.50 34.26
C THR A 41 -38.44 -13.19 34.95
N GLY A 42 -39.53 -13.20 34.20
CA GLY A 42 -40.82 -12.75 34.71
C GLY A 42 -41.02 -11.23 34.84
N ILE A 43 -40.00 -10.46 34.51
CA ILE A 43 -40.04 -8.99 34.56
C ILE A 43 -40.97 -8.48 33.44
N GLN A 44 -41.86 -7.55 33.82
CA GLN A 44 -42.77 -6.93 32.88
C GLN A 44 -42.04 -6.02 31.90
N ALA A 45 -42.47 -6.07 30.65
CA ALA A 45 -42.05 -5.18 29.60
C ALA A 45 -42.85 -3.88 29.57
N LYS A 46 -42.14 -2.76 29.70
CA LYS A 46 -42.70 -1.45 29.69
C LYS A 46 -41.78 -0.62 28.86
N GLY A 47 -42.32 0.16 27.93
CA GLY A 47 -41.51 1.02 27.09
C GLY A 47 -40.63 0.16 26.17
N GLN A 48 -41.13 -0.96 25.73
CA GLN A 48 -40.36 -1.71 24.78
C GLN A 48 -41.17 -2.51 23.78
N PHE A 49 -40.48 -3.00 22.75
CA PHE A 49 -41.13 -3.81 21.69
C PHE A 49 -40.84 -5.27 21.89
N VAL A 50 -41.82 -6.13 21.67
CA VAL A 50 -41.61 -7.56 21.82
C VAL A 50 -42.36 -8.21 20.63
N THR A 51 -41.72 -9.17 20.00
CA THR A 51 -42.32 -9.99 18.96
C THR A 51 -42.80 -11.25 19.66
N ILE A 52 -44.12 -11.56 19.55
CA ILE A 52 -44.72 -12.77 20.14
C ILE A 52 -45.43 -13.60 19.02
N GLY A 53 -45.02 -14.83 18.83
CA GLY A 53 -45.48 -15.66 17.72
C GLY A 53 -45.22 -14.91 16.45
N GLN A 54 -46.29 -14.46 15.82
CA GLN A 54 -46.22 -13.76 14.53
C GLN A 54 -46.20 -12.23 14.61
N GLU A 55 -46.57 -11.67 15.76
CA GLU A 55 -46.81 -10.25 15.84
C GLU A 55 -45.74 -9.53 16.64
N THR A 56 -45.60 -8.24 16.34
CA THR A 56 -44.77 -7.34 17.12
C THR A 56 -45.71 -6.35 17.79
N TYR A 57 -45.48 -6.14 19.10
CA TYR A 57 -46.22 -5.18 19.89
C TYR A 57 -45.31 -4.20 20.53
N TYR A 58 -45.81 -3.02 20.81
CA TYR A 58 -45.16 -2.07 21.70
C TYR A 58 -45.88 -2.11 23.02
N PHE A 59 -45.15 -2.09 24.15
CA PHE A 59 -45.76 -2.04 25.49
C PHE A 59 -45.47 -0.69 26.09
N SER A 60 -46.50 0.04 26.48
CA SER A 60 -46.32 1.45 26.86
C SER A 60 -45.43 1.61 28.11
N LYS A 61 -44.77 2.75 28.25
CA LYS A 61 -43.87 2.97 29.40
C LYS A 61 -44.61 3.21 30.71
N ASP A 62 -45.86 3.66 30.63
CA ASP A 62 -46.67 3.86 31.87
C ASP A 62 -47.30 2.59 32.42
N HIS A 63 -48.46 2.18 31.91
CA HIS A 63 -49.12 0.97 32.41
CA HIS A 63 -49.11 0.99 32.42
C HIS A 63 -48.55 -0.31 31.78
N GLY A 64 -47.81 -0.18 30.68
CA GLY A 64 -47.22 -1.39 30.00
C GLY A 64 -48.23 -2.12 29.09
N ASP A 65 -49.14 -1.34 28.51
CA ASP A 65 -50.24 -1.85 27.69
C ASP A 65 -49.82 -2.06 26.25
N ALA A 66 -50.32 -3.12 25.64
CA ALA A 66 -49.89 -3.57 24.32
C ALA A 66 -50.47 -2.73 23.20
N GLN A 67 -49.68 -2.47 22.18
CA GLN A 67 -50.12 -1.86 20.92
C GLN A 67 -49.56 -2.72 19.77
N LEU A 68 -50.45 -3.37 18.99
CA LEU A 68 -50.06 -4.24 17.89
C LEU A 68 -49.49 -3.41 16.80
N LEU A 69 -48.31 -3.76 16.32
CA LEU A 69 -47.77 -2.98 15.21
C LEU A 69 -47.99 -3.83 13.93
N PRO A 70 -48.91 -3.39 13.04
CA PRO A 70 -49.28 -4.24 11.89
C PRO A 70 -48.11 -4.58 10.99
N MET A 71 -47.92 -5.87 10.68
CA MET A 71 -46.85 -6.29 9.75
C MET A 71 -47.05 -5.68 8.37
N VAL A 72 -46.04 -4.98 7.85
CA VAL A 72 -46.03 -4.47 6.47
C VAL A 72 -45.25 -5.46 5.56
N THR A 73 -45.91 -5.98 4.54
CA THR A 73 -45.32 -7.05 3.70
C THR A 73 -45.15 -6.69 2.20
N GLU A 74 -46.11 -5.97 1.64
CA GLU A 74 -45.99 -5.57 0.24
C GLU A 74 -45.41 -4.18 0.22
N GLY A 75 -44.58 -3.91 -0.76
CA GLY A 75 -43.93 -2.63 -0.84
C GLY A 75 -42.47 -2.86 -1.14
N HIS A 76 -41.80 -1.75 -1.47
CA HIS A 76 -40.38 -1.74 -1.92
C HIS A 76 -39.70 -0.48 -1.37
N TYR A 77 -38.39 -0.57 -1.13
CA TYR A 77 -37.57 0.58 -0.73
C TYR A 77 -37.15 1.37 -1.98
N GLY A 78 -37.35 2.69 -1.94
CA GLY A 78 -37.06 3.56 -3.07
C GLY A 78 -36.27 4.80 -2.68
N THR A 79 -36.53 5.90 -3.39
CA THR A 79 -35.76 7.11 -3.21
C THR A 79 -36.52 8.39 -3.58
N ILE A 80 -35.95 9.55 -3.24
CA ILE A 80 -36.53 10.85 -3.64
C ILE A 80 -35.50 11.98 -3.84
N THR A 81 -35.80 12.86 -4.79
CA THR A 81 -34.98 14.03 -5.11
C THR A 81 -35.51 15.25 -4.34
N ALA A 91 -31.99 10.07 -0.46
CA ALA A 91 -32.89 9.73 0.67
C ALA A 91 -33.72 8.48 0.43
N TRP A 92 -33.42 7.40 1.14
CA TRP A 92 -34.29 6.21 1.12
C TRP A 92 -35.71 6.56 1.60
N VAL A 93 -36.67 5.77 1.12
CA VAL A 93 -38.06 5.78 1.61
C VAL A 93 -38.59 4.38 1.41
N TYR A 94 -39.79 4.11 1.92
CA TYR A 94 -40.48 2.85 1.62
C TYR A 94 -41.88 3.14 1.14
N ARG A 95 -42.25 2.41 0.09
CA ARG A 95 -43.54 2.56 -0.61
C ARG A 95 -44.38 1.31 -0.51
N ASP A 96 -45.65 1.47 -0.13
CA ASP A 96 -46.55 0.32 0.05
C ASP A 96 -47.03 -0.27 -1.31
N GLN A 97 -48.00 -1.19 -1.26
CA GLN A 97 -48.58 -1.76 -2.50
C GLN A 97 -49.17 -0.71 -3.48
N ASN A 98 -49.70 0.40 -2.96
CA ASN A 98 -50.23 1.48 -3.81
C ASN A 98 -49.18 2.49 -4.24
N ASN A 99 -47.92 2.17 -3.99
CA ASN A 99 -46.86 3.12 -4.20
C ASN A 99 -46.84 4.35 -3.27
N THR A 100 -47.64 4.41 -2.20
CA THR A 100 -47.54 5.54 -1.26
C THR A 100 -46.28 5.47 -0.35
N ILE A 101 -45.79 6.65 0.04
CA ILE A 101 -44.65 6.76 0.94
C ILE A 101 -45.12 6.70 2.40
N LEU A 102 -44.52 5.75 3.15
CA LEU A 102 -44.81 5.52 4.57
C LEU A 102 -44.10 6.51 5.48
N LYS A 103 -44.76 6.85 6.57
CA LYS A 103 -44.25 7.83 7.55
C LYS A 103 -44.31 7.22 8.96
N GLY A 104 -43.50 7.77 9.85
CA GLY A 104 -43.47 7.33 11.26
C GLY A 104 -42.94 5.92 11.39
N LEU A 105 -43.33 5.24 12.47
CA LEU A 105 -42.81 3.91 12.82
C LEU A 105 -43.49 2.78 12.04
N GLN A 106 -42.72 1.82 11.53
CA GLN A 106 -43.26 0.80 10.64
C GLN A 106 -42.57 -0.51 10.88
N ASN A 107 -43.39 -1.56 10.97
CA ASN A 107 -42.96 -2.93 11.15
C ASN A 107 -42.87 -3.64 9.79
N ILE A 108 -41.67 -3.59 9.21
CA ILE A 108 -41.38 -4.12 7.88
C ILE A 108 -40.48 -5.33 7.95
N ASN A 109 -41.00 -6.49 7.55
CA ASN A 109 -40.20 -7.71 7.39
C ASN A 109 -39.39 -8.05 8.61
N GLY A 110 -40.04 -8.04 9.75
CA GLY A 110 -39.35 -8.40 11.00
C GLY A 110 -38.29 -7.43 11.50
N THR A 111 -38.48 -6.15 11.21
CA THR A 111 -37.68 -5.08 11.76
C THR A 111 -38.58 -3.86 11.93
N LEU A 112 -38.18 -2.98 12.84
CA LEU A 112 -38.93 -1.74 13.12
C LEU A 112 -38.12 -0.60 12.56
N GLN A 113 -38.75 0.31 11.83
CA GLN A 113 -38.03 1.36 11.11
C GLN A 113 -38.76 2.63 11.24
N PHE A 114 -38.12 3.76 10.98
CA PHE A 114 -38.82 5.04 11.20
C PHE A 114 -38.61 5.90 9.99
N PHE A 115 -39.68 6.54 9.56
CA PHE A 115 -39.63 7.38 8.35
C PHE A 115 -40.13 8.75 8.76
N ASP A 116 -39.44 9.82 8.36
CA ASP A 116 -39.89 11.16 8.74
C ASP A 116 -41.41 11.35 8.51
N PRO A 117 -42.13 11.95 9.49
CA PRO A 117 -43.58 12.16 9.38
C PRO A 117 -44.05 13.07 8.22
N TYR A 118 -43.11 13.83 7.63
CA TYR A 118 -43.37 14.69 6.47
C TYR A 118 -42.50 14.20 5.32
N THR A 119 -41.19 14.45 5.35
CA THR A 119 -40.30 13.93 4.29
C THR A 119 -40.65 12.49 3.86
N GLY A 120 -40.95 11.59 4.80
CA GLY A 120 -40.94 10.14 4.52
C GLY A 120 -39.53 9.53 4.56
N GLU A 121 -38.50 10.37 4.73
CA GLU A 121 -37.10 9.94 4.73
C GLU A 121 -36.81 8.95 5.91
N GLN A 122 -36.09 7.88 5.59
CA GLN A 122 -35.78 6.85 6.53
C GLN A 122 -34.69 7.37 7.46
N LEU A 123 -34.90 7.20 8.75
CA LEU A 123 -33.89 7.48 9.79
C LEU A 123 -32.87 6.34 9.87
N LYS A 124 -31.61 6.68 9.78
CA LYS A 124 -30.52 5.71 9.90
C LYS A 124 -29.45 6.39 10.76
N GLY A 125 -29.04 5.77 11.86
CA GLY A 125 -28.05 6.36 12.74
C GLY A 125 -28.56 7.57 13.48
N GLY A 126 -29.71 7.43 14.11
CA GLY A 126 -30.34 8.49 14.87
C GLY A 126 -31.51 8.02 15.71
N VAL A 127 -32.07 8.95 16.44
CA VAL A 127 -33.14 8.63 17.39
C VAL A 127 -34.43 9.20 16.92
N ALA A 128 -35.52 8.58 17.28
CA ALA A 128 -36.84 9.16 17.09
C ALA A 128 -37.63 8.89 18.35
N LYS A 129 -38.63 9.74 18.59
CA LYS A 129 -39.50 9.67 19.75
C LYS A 129 -40.73 8.85 19.47
N TYR A 130 -41.10 8.00 20.40
CA TYR A 130 -42.25 7.21 20.32
C TYR A 130 -42.68 6.97 21.77
N ASP A 131 -43.97 7.17 22.08
CA ASP A 131 -44.51 7.07 23.47
C ASP A 131 -43.71 8.01 24.35
N ASP A 132 -43.31 9.14 23.78
CA ASP A 132 -42.53 10.10 24.52
C ASP A 132 -41.20 9.54 25.06
N LYS A 133 -40.66 8.49 24.44
CA LYS A 133 -39.34 7.93 24.70
C LYS A 133 -38.49 7.96 23.44
N LEU A 134 -37.19 7.79 23.60
CA LEU A 134 -36.25 7.90 22.49
C LEU A 134 -35.76 6.54 22.15
N PHE A 135 -35.83 6.19 20.87
CA PHE A 135 -35.32 4.91 20.45
C PHE A 135 -34.30 5.16 19.37
N TYR A 136 -33.29 4.29 19.31
CA TYR A 136 -32.23 4.48 18.37
C TYR A 136 -32.32 3.49 17.22
N PHE A 137 -32.08 4.00 16.02
CA PHE A 137 -32.20 3.24 14.75
C PHE A 137 -30.78 3.24 14.13
N GLU A 138 -30.23 2.05 14.00
CA GLU A 138 -28.87 1.87 13.62
C GLU A 138 -28.58 2.30 12.17
N SER A 139 -27.29 2.57 11.91
CA SER A 139 -26.84 3.34 10.77
C SER A 139 -26.76 2.46 9.52
N GLY A 140 -26.70 1.14 9.67
CA GLY A 140 -26.62 0.24 8.50
C GLY A 140 -27.93 0.09 7.77
N LYS A 141 -28.93 -0.48 8.45
CA LYS A 141 -30.24 -0.65 7.88
C LYS A 141 -31.39 0.23 8.44
N GLY A 142 -31.11 1.10 9.39
CA GLY A 142 -32.17 1.87 10.06
C GLY A 142 -33.11 1.07 11.00
N ASN A 143 -32.67 -0.07 11.48
CA ASN A 143 -33.49 -0.89 12.34
C ASN A 143 -33.41 -0.40 13.81
N LEU A 144 -34.54 -0.31 14.48
CA LEU A 144 -34.62 -0.04 15.91
C LEU A 144 -33.88 -1.11 16.71
N VAL A 145 -32.88 -0.68 17.45
CA VAL A 145 -32.08 -1.59 18.25
C VAL A 145 -32.06 -1.31 19.78
N SER A 146 -32.38 -0.09 20.18
CA SER A 146 -32.26 0.25 21.60
C SER A 146 -33.01 1.50 22.02
N THR A 147 -33.01 1.71 23.35
CA THR A 147 -33.49 2.98 23.94
C THR A 147 -32.31 3.89 24.26
N VAL A 148 -32.52 5.20 24.13
CA VAL A 148 -31.51 6.17 24.44
C VAL A 148 -32.18 7.04 25.54
N ALA A 149 -31.35 7.46 26.51
CA ALA A 149 -31.84 8.08 27.75
C ALA A 149 -32.25 9.53 27.52
N GLY A 150 -31.62 10.21 26.58
CA GLY A 150 -31.97 11.61 26.30
C GLY A 150 -31.25 12.16 25.06
N ASP A 151 -31.72 13.28 24.57
CA ASP A 151 -31.20 13.92 23.37
C ASP A 151 -30.90 15.36 23.73
N TYR A 152 -29.64 15.80 23.48
CA TYR A 152 -29.16 17.07 23.95
C TYR A 152 -28.64 17.87 22.79
N GLN A 153 -29.04 19.15 22.77
CA GLN A 153 -28.53 20.15 21.81
C GLN A 153 -27.94 21.38 22.46
N ASP A 154 -28.33 21.62 23.71
CA ASP A 154 -28.16 22.92 24.33
C ASP A 154 -27.18 22.91 25.54
N GLY A 155 -26.62 21.76 25.91
CA GLY A 155 -25.55 21.76 26.89
C GLY A 155 -24.17 22.09 26.37
N HIS A 156 -23.16 21.75 27.15
CA HIS A 156 -21.79 21.95 26.72
C HIS A 156 -20.88 20.94 27.38
N TYR A 157 -19.78 20.65 26.72
CA TYR A 157 -18.78 19.78 27.25
C TYR A 157 -17.92 20.50 28.29
N ILE A 158 -17.43 19.77 29.27
CA ILE A 158 -16.53 20.37 30.27
C ILE A 158 -15.36 19.46 30.44
N SER A 159 -14.30 19.93 31.10
CA SER A 159 -13.23 19.02 31.49
C SER A 159 -13.07 19.07 32.99
N GLN A 160 -12.91 17.92 33.60
CA GLN A 160 -13.11 17.88 35.01
C GLN A 160 -12.45 16.61 35.51
N ASP A 161 -11.67 16.75 36.59
CA ASP A 161 -10.84 15.71 37.16
C ASP A 161 -10.06 14.95 36.09
N GLY A 162 -9.55 15.64 35.08
CA GLY A 162 -8.84 15.00 33.96
C GLY A 162 -9.70 14.21 32.96
N GLN A 163 -11.00 14.46 32.91
CA GLN A 163 -11.87 13.72 31.94
C GLN A 163 -12.73 14.66 31.15
N THR A 164 -13.44 14.17 30.15
CA THR A 164 -14.43 15.02 29.51
C THR A 164 -15.81 14.61 30.03
N ARG A 165 -16.61 15.59 30.38
CA ARG A 165 -17.99 15.37 30.77
C ARG A 165 -18.90 16.31 29.99
N TYR A 166 -20.23 16.10 30.06
CA TYR A 166 -21.20 16.94 29.36
C TYR A 166 -22.24 17.41 30.35
N ALA A 167 -22.47 18.71 30.34
CA ALA A 167 -23.41 19.33 31.24
C ALA A 167 -24.62 19.75 30.46
N ASP A 168 -25.80 19.51 31.00
CA ASP A 168 -27.02 19.90 30.32
C ASP A 168 -27.29 21.46 30.44
N LYS A 169 -28.46 21.89 30.02
CA LYS A 169 -28.87 23.30 30.01
C LYS A 169 -28.90 23.86 31.45
N GLN A 170 -29.10 22.98 32.44
CA GLN A 170 -29.08 23.32 33.86
C GLN A 170 -27.74 23.16 34.52
N ASN A 171 -26.70 22.94 33.69
CA ASN A 171 -25.38 22.67 34.14
C ASN A 171 -25.23 21.37 34.96
N GLN A 172 -26.11 20.42 34.76
CA GLN A 172 -26.09 19.15 35.52
C GLN A 172 -25.41 18.07 34.65
N LEU A 173 -24.52 17.31 35.22
CA LEU A 173 -23.87 16.25 34.42
C LEU A 173 -24.87 15.32 33.77
N VAL A 174 -24.59 14.92 32.57
CA VAL A 174 -25.42 13.97 31.85
C VAL A 174 -24.74 12.61 31.93
N LYS A 175 -25.53 11.59 32.23
CA LYS A 175 -25.04 10.20 32.34
C LYS A 175 -25.68 9.21 31.33
N GLY A 176 -24.96 8.14 30.98
CA GLY A 176 -25.50 7.04 30.23
C GLY A 176 -25.39 7.22 28.70
N LEU A 177 -26.25 6.49 28.00
CA LEU A 177 -26.29 6.45 26.57
C LEU A 177 -27.24 7.54 26.05
N VAL A 178 -26.72 8.49 25.34
CA VAL A 178 -27.46 9.68 24.98
C VAL A 178 -27.10 10.09 23.56
N THR A 179 -27.87 10.98 22.97
CA THR A 179 -27.33 11.67 21.79
C THR A 179 -27.03 13.09 22.12
N VAL A 180 -25.96 13.60 21.55
CA VAL A 180 -25.50 14.97 21.77
C VAL A 180 -25.09 15.59 20.44
N ASN A 181 -25.82 16.62 20.04
CA ASN A 181 -25.71 17.27 18.69
C ASN A 181 -25.77 16.24 17.61
N GLY A 182 -26.70 15.33 17.78
CA GLY A 182 -26.95 14.24 16.84
C GLY A 182 -26.05 13.02 16.92
N ALA A 183 -24.99 13.02 17.76
CA ALA A 183 -24.05 11.91 17.83
C ALA A 183 -24.41 11.05 18.99
N LEU A 184 -24.41 9.74 18.79
CA LEU A 184 -24.58 8.77 19.92
C LEU A 184 -23.36 8.73 20.79
N GLN A 185 -23.51 8.88 22.11
CA GLN A 185 -22.38 9.02 22.99
C GLN A 185 -22.68 8.34 24.31
N TYR A 186 -21.64 8.10 25.11
CA TYR A 186 -21.76 7.38 26.35
C TYR A 186 -20.94 7.99 27.47
N PHE A 187 -21.63 8.29 28.56
CA PHE A 187 -21.04 8.91 29.70
C PHE A 187 -21.21 7.94 30.88
N ASP A 188 -20.10 7.58 31.50
CA ASP A 188 -20.08 6.62 32.57
C ASP A 188 -21.12 6.95 33.64
N ASN A 189 -21.95 6.00 34.01
CA ASN A 189 -23.10 6.36 34.89
C ASN A 189 -22.70 6.91 36.23
N ALA A 190 -21.63 6.38 36.81
CA ALA A 190 -21.18 6.80 38.14
C ALA A 190 -20.54 8.17 38.11
N THR A 191 -19.69 8.45 37.14
CA THR A 191 -18.86 9.64 37.18
C THR A 191 -19.24 10.69 36.16
N GLY A 192 -19.86 10.27 35.08
CA GLY A 192 -20.18 11.19 33.98
C GLY A 192 -19.05 11.22 32.95
N ASN A 193 -17.98 10.51 33.21
CA ASN A 193 -16.84 10.55 32.27
C ASN A 193 -17.21 10.00 30.86
N GLN A 194 -16.89 10.75 29.85
CA GLN A 194 -17.14 10.31 28.46
C GLN A 194 -16.22 9.18 28.07
N ILE A 195 -16.81 8.18 27.43
CA ILE A 195 -16.10 7.00 26.97
C ILE A 195 -15.66 7.25 25.51
N LYS A 196 -14.37 7.03 25.25
CA LYS A 196 -13.79 7.25 23.95
C LYS A 196 -12.93 6.07 23.59
N ASN A 197 -12.99 5.69 22.33
CA ASN A 197 -12.23 4.53 21.84
C ASN A 197 -12.43 3.23 22.63
N GLN A 198 -13.69 2.83 22.84
CA GLN A 198 -13.98 1.61 23.52
C GLN A 198 -15.24 0.99 22.95
N GLN A 199 -15.27 -0.32 22.97
CA GLN A 199 -16.55 -1.06 22.90
C GLN A 199 -17.15 -1.11 24.29
N VAL A 200 -18.47 -0.87 24.38
CA VAL A 200 -19.22 -0.76 25.65
C VAL A 200 -20.52 -1.55 25.50
N ILE A 201 -20.85 -2.35 26.51
CA ILE A 201 -22.16 -3.01 26.56
C ILE A 201 -23.15 -2.13 27.38
N VAL A 202 -24.27 -1.75 26.81
CA VAL A 202 -25.27 -0.97 27.52
C VAL A 202 -26.62 -1.66 27.30
N ASP A 203 -27.22 -2.10 28.41
CA ASP A 203 -28.56 -2.72 28.41
C ASP A 203 -28.64 -3.88 27.39
N GLY A 204 -27.59 -4.68 27.34
CA GLY A 204 -27.57 -5.87 26.51
C GLY A 204 -27.26 -5.62 25.04
N LYS A 205 -26.86 -4.39 24.65
CA LYS A 205 -26.44 -4.07 23.27
C LYS A 205 -24.98 -3.57 23.34
N THR A 206 -24.19 -3.91 22.32
CA THR A 206 -22.76 -3.58 22.26
C THR A 206 -22.55 -2.53 21.20
N TYR A 207 -21.82 -1.46 21.57
CA TYR A 207 -21.57 -0.32 20.73
C TYR A 207 -20.05 -0.08 20.71
N TYR A 208 -19.57 0.68 19.74
CA TYR A 208 -18.21 1.20 19.78
C TYR A 208 -18.29 2.71 19.76
N PHE A 209 -17.50 3.34 20.61
CA PHE A 209 -17.37 4.78 20.67
C PHE A 209 -15.96 5.15 20.22
N ASP A 210 -15.89 6.03 19.23
CA ASP A 210 -14.61 6.35 18.54
C ASP A 210 -13.73 7.35 19.33
N ASP A 211 -12.71 7.87 18.68
CA ASP A 211 -11.73 8.70 19.36
C ASP A 211 -12.32 10.07 19.78
N LYS A 212 -13.44 10.48 19.20
CA LYS A 212 -14.15 11.68 19.62
C LYS A 212 -15.35 11.33 20.52
N GLY A 213 -15.49 10.07 20.90
CA GLY A 213 -16.63 9.61 21.67
C GLY A 213 -17.94 9.34 20.87
N ASN A 214 -17.87 9.39 19.54
CA ASN A 214 -19.06 9.20 18.71
C ASN A 214 -19.30 7.70 18.45
N GLY A 215 -20.54 7.27 18.66
CA GLY A 215 -20.81 5.85 18.69
C GLY A 215 -21.56 5.25 17.50
N GLU A 216 -21.53 3.93 17.44
CA GLU A 216 -22.28 3.12 16.49
C GLU A 216 -22.64 1.78 17.17
N TYR A 217 -23.83 1.29 16.82
CA TYR A 217 -24.24 0.00 17.27
C TYR A 217 -23.49 -1.08 16.51
N LEU A 218 -23.14 -2.12 17.19
CA LEU A 218 -22.47 -3.25 16.63
C LEU A 218 -23.36 -4.48 16.58
N PHE A 219 -23.87 -4.90 17.74
CA PHE A 219 -24.78 -6.05 17.85
C PHE A 219 -25.53 -6.08 19.15
N THR A 220 -26.57 -6.90 19.16
CA THR A 220 -27.37 -7.14 20.36
C THR A 220 -26.95 -8.40 20.94
N ASN A 221 -26.72 -8.41 22.24
CA ASN A 221 -26.17 -9.63 22.85
C ASN A 221 -27.26 -10.68 23.14
N THR A 222 -26.89 -11.93 23.23
CA THR A 222 -27.81 -12.93 23.67
C THR A 222 -28.03 -12.72 25.17
N LEU A 223 -29.21 -13.10 25.67
CA LEU A 223 -29.53 -12.90 27.07
C LEU A 223 -28.78 -13.99 27.86
N ASP A 224 -29.25 -15.21 27.73
CA ASP A 224 -28.52 -16.34 28.27
CA ASP A 224 -28.54 -16.35 28.28
C ASP A 224 -28.99 -17.62 27.60
N MET A 225 -28.12 -18.63 27.72
CA MET A 225 -28.29 -19.92 27.10
C MET A 225 -29.47 -20.66 27.73
N SER A 226 -30.08 -21.53 26.92
CA SER A 226 -31.01 -22.54 27.41
C SER A 226 -30.19 -23.38 28.40
N THR A 227 -30.69 -23.50 29.61
CA THR A 227 -30.06 -24.40 30.57
C THR A 227 -30.98 -25.63 30.78
N ASN A 228 -31.82 -25.95 29.79
CA ASN A 228 -32.69 -27.13 29.92
C ASN A 228 -31.97 -28.51 29.75
N ALA A 229 -32.69 -29.62 29.91
CA ALA A 229 -32.05 -30.94 29.77
C ALA A 229 -31.54 -31.15 28.33
N PHE A 230 -32.32 -30.69 27.34
CA PHE A 230 -31.92 -30.74 25.92
C PHE A 230 -30.47 -30.10 25.72
N SER A 231 -30.28 -28.87 26.24
CA SER A 231 -29.02 -28.15 26.15
C SER A 231 -27.86 -28.89 26.82
N THR A 232 -28.11 -29.51 27.96
CA THR A 232 -27.05 -30.26 28.62
C THR A 232 -26.54 -31.44 27.77
N LYS A 233 -27.35 -31.92 26.84
CA LYS A 233 -26.89 -32.95 25.90
C LYS A 233 -26.03 -32.39 24.73
N ASN A 234 -26.24 -31.13 24.42
CA ASN A 234 -25.53 -30.42 23.32
C ASN A 234 -24.12 -29.94 23.76
N VAL A 235 -23.84 -30.10 25.05
CA VAL A 235 -22.55 -29.75 25.62
C VAL A 235 -21.42 -30.57 25.06
N ALA A 236 -20.25 -29.93 24.91
CA ALA A 236 -19.15 -30.61 24.29
C ALA A 236 -18.79 -31.85 25.11
N PHE A 237 -18.48 -32.92 24.40
CA PHE A 237 -18.03 -34.16 24.98
C PHE A 237 -16.89 -34.00 26.00
N ASN A 238 -15.85 -33.25 25.63
CA ASN A 238 -14.77 -32.80 26.57
C ASN A 238 -14.05 -31.60 25.92
N HIS A 239 -12.90 -31.20 26.48
CA HIS A 239 -12.17 -30.03 26.03
C HIS A 239 -10.87 -30.40 25.33
N ASP A 240 -10.76 -31.66 24.87
CA ASP A 240 -9.64 -32.14 24.08
C ASP A 240 -9.73 -31.68 22.67
N SER A 241 -8.57 -31.64 22.04
CA SER A 241 -8.52 -31.10 20.68
C SER A 241 -9.20 -32.03 19.69
N SER A 242 -9.23 -33.32 20.02
CA SER A 242 -9.97 -34.30 19.24
C SER A 242 -11.49 -33.99 19.19
N SER A 243 -12.03 -33.25 20.15
CA SER A 243 -13.46 -33.01 20.13
C SER A 243 -13.86 -31.84 19.28
N PHE A 244 -12.90 -31.16 18.64
CA PHE A 244 -13.24 -29.94 17.89
C PHE A 244 -12.40 -29.90 16.62
N ASP A 245 -12.92 -29.30 15.56
CA ASP A 245 -12.12 -29.15 14.33
C ASP A 245 -12.23 -27.74 13.78
N HIS A 246 -11.57 -27.41 12.64
CA HIS A 246 -11.43 -25.99 12.20
C HIS A 246 -11.01 -25.06 13.36
N THR A 247 -10.13 -25.55 14.21
CA THR A 247 -9.49 -24.76 15.26
C THR A 247 -8.08 -24.28 14.79
N VAL A 248 -7.59 -23.22 15.39
CA VAL A 248 -6.24 -22.71 15.07
C VAL A 248 -5.55 -22.41 16.36
N ASP A 249 -4.37 -23.01 16.60
CA ASP A 249 -3.60 -22.76 17.89
C ASP A 249 -4.44 -23.01 19.18
N GLY A 250 -5.40 -23.93 19.13
CA GLY A 250 -6.27 -24.15 20.28
C GLY A 250 -7.48 -23.24 20.43
N PHE A 251 -7.70 -22.27 19.50
CA PHE A 251 -8.87 -21.44 19.50
C PHE A 251 -9.96 -22.00 18.55
N LEU A 252 -11.24 -21.70 18.86
CA LEU A 252 -12.36 -22.08 17.99
C LEU A 252 -12.68 -20.98 17.02
N THR A 253 -13.22 -21.31 15.84
CA THR A 253 -13.58 -20.32 14.89
C THR A 253 -15.05 -20.52 14.50
N ALA A 254 -15.57 -19.63 13.68
CA ALA A 254 -16.92 -19.75 13.19
C ALA A 254 -17.17 -21.05 12.37
N ASP A 255 -16.07 -21.66 11.88
CA ASP A 255 -16.10 -22.86 11.09
C ASP A 255 -16.05 -24.12 11.92
N THR A 256 -15.95 -24.04 13.23
CA THR A 256 -15.65 -25.17 14.06
C THR A 256 -16.87 -26.13 14.19
N TRP A 257 -16.57 -27.41 14.06
CA TRP A 257 -17.53 -28.51 14.36
C TRP A 257 -17.03 -29.11 15.61
N TYR A 258 -17.91 -29.76 16.36
CA TYR A 258 -17.54 -30.33 17.63
C TYR A 258 -18.32 -31.61 17.91
N ARG A 259 -17.81 -32.38 18.86
CA ARG A 259 -18.48 -33.57 19.31
C ARG A 259 -19.27 -33.29 20.57
N PRO A 260 -20.62 -33.28 20.47
CA PRO A 260 -21.40 -33.11 21.71
C PRO A 260 -21.45 -34.41 22.53
N LYS A 261 -21.93 -34.29 23.75
CA LYS A 261 -22.13 -35.48 24.60
C LYS A 261 -23.11 -36.46 24.01
N SER A 262 -24.27 -35.96 23.57
CA SER A 262 -25.30 -36.82 23.00
C SER A 262 -25.79 -36.31 21.68
N ILE A 263 -26.36 -37.24 20.92
CA ILE A 263 -26.85 -36.99 19.59
C ILE A 263 -28.35 -37.39 19.52
N LEU A 264 -29.19 -36.55 18.96
CA LEU A 264 -30.62 -36.88 18.84
C LEU A 264 -30.85 -37.57 17.51
N ALA A 265 -30.51 -38.86 17.45
CA ALA A 265 -30.62 -39.64 16.21
C ALA A 265 -32.01 -39.53 15.59
N ASN A 266 -31.98 -39.21 14.31
CA ASN A 266 -33.12 -38.97 13.47
C ASN A 266 -34.18 -37.99 13.99
N GLY A 267 -33.81 -37.10 14.91
CA GLY A 267 -34.79 -36.16 15.46
C GLY A 267 -35.50 -36.65 16.69
N THR A 268 -35.32 -37.92 17.06
CA THR A 268 -36.19 -38.57 18.06
C THR A 268 -35.50 -39.23 19.27
N THR A 269 -34.33 -39.82 19.07
CA THR A 269 -33.80 -40.75 20.06
C THR A 269 -32.40 -40.35 20.43
N TRP A 270 -32.24 -39.83 21.66
CA TRP A 270 -30.92 -39.42 22.13
C TRP A 270 -30.09 -40.66 22.31
N ARG A 271 -28.82 -40.55 21.97
CA ARG A 271 -27.87 -41.59 22.30
C ARG A 271 -26.55 -40.90 22.55
N ASP A 272 -25.68 -41.58 23.28
CA ASP A 272 -24.27 -41.23 23.33
C ASP A 272 -23.63 -41.02 21.97
N SER A 273 -22.75 -40.02 21.93
CA SER A 273 -21.99 -39.71 20.74
C SER A 273 -20.86 -40.69 20.62
N THR A 274 -20.40 -40.91 19.40
CA THR A 274 -19.17 -41.65 19.20
C THR A 274 -18.12 -40.65 18.69
N ASP A 275 -16.88 -41.11 18.54
CA ASP A 275 -15.79 -40.35 17.93
C ASP A 275 -16.03 -40.00 16.49
N LYS A 276 -17.08 -40.50 15.87
CA LYS A 276 -17.33 -40.09 14.53
C LYS A 276 -18.37 -38.96 14.45
N ASP A 277 -19.06 -38.65 15.53
CA ASP A 277 -20.17 -37.64 15.41
C ASP A 277 -19.62 -36.20 15.61
N MET A 278 -19.90 -35.30 14.67
CA MET A 278 -19.52 -33.89 14.79
C MET A 278 -20.69 -33.09 14.25
N ARG A 279 -20.99 -31.97 14.92
CA ARG A 279 -21.98 -31.00 14.48
C ARG A 279 -21.33 -29.61 14.44
N PRO A 280 -21.88 -28.70 13.64
CA PRO A 280 -21.40 -27.37 13.68
C PRO A 280 -21.70 -26.68 15.01
N LEU A 281 -20.71 -25.99 15.53
CA LEU A 281 -20.95 -25.17 16.68
C LEU A 281 -22.08 -24.18 16.50
N ILE A 282 -22.26 -23.66 15.31
CA ILE A 282 -23.19 -22.61 15.13
C ILE A 282 -24.67 -23.13 14.99
N THR A 283 -24.87 -24.40 15.14
CA THR A 283 -26.21 -24.98 15.24
C THR A 283 -26.68 -24.99 16.69
N VAL A 284 -25.75 -24.74 17.62
CA VAL A 284 -26.04 -24.76 19.03
C VAL A 284 -25.62 -23.56 19.89
N TRP A 285 -24.80 -22.67 19.35
CA TRP A 285 -24.26 -21.54 20.12
C TRP A 285 -24.08 -20.42 19.12
N TRP A 286 -24.39 -19.19 19.51
CA TRP A 286 -24.29 -18.01 18.64
C TRP A 286 -23.59 -16.92 19.42
N PRO A 287 -22.78 -16.11 18.71
CA PRO A 287 -22.01 -15.08 19.43
C PRO A 287 -22.84 -13.89 19.89
N ASN A 288 -23.97 -13.71 19.26
CA ASN A 288 -24.82 -12.55 19.54
C ASN A 288 -26.24 -12.90 19.00
N LYS A 289 -27.19 -12.09 19.36
CA LYS A 289 -28.61 -12.31 19.03
C LYS A 289 -28.87 -12.09 17.56
N ASN A 290 -28.15 -11.15 16.93
CA ASN A 290 -28.31 -10.93 15.49
C ASN A 290 -28.05 -12.24 14.71
N VAL A 291 -26.97 -12.97 15.06
CA VAL A 291 -26.60 -14.18 14.37
C VAL A 291 -27.62 -15.29 14.68
N GLN A 292 -28.00 -15.46 15.94
CA GLN A 292 -29.05 -16.43 16.28
C GLN A 292 -30.37 -16.18 15.50
N VAL A 293 -30.85 -14.94 15.48
CA VAL A 293 -32.04 -14.56 14.71
C VAL A 293 -31.84 -14.88 13.20
N ASN A 294 -30.69 -14.52 12.64
CA ASN A 294 -30.40 -14.70 11.23
C ASN A 294 -30.33 -16.15 10.94
N TYR A 295 -29.79 -16.91 11.90
CA TYR A 295 -29.64 -18.30 11.80
C TYR A 295 -31.04 -18.97 11.65
N LEU A 296 -31.97 -18.58 12.53
CA LEU A 296 -33.33 -19.14 12.53
C LEU A 296 -34.00 -18.83 11.25
N ASN A 297 -33.94 -17.60 10.82
CA ASN A 297 -34.52 -17.19 9.56
C ASN A 297 -33.93 -17.88 8.33
N PHE A 298 -32.60 -18.09 8.32
CA PHE A 298 -31.95 -18.81 7.25
C PHE A 298 -32.41 -20.26 7.20
N MET A 299 -32.50 -20.90 8.36
CA MET A 299 -32.88 -22.27 8.43
C MET A 299 -34.36 -22.48 8.04
N LYS A 300 -35.22 -21.58 8.46
CA LYS A 300 -36.57 -21.56 8.00
C LYS A 300 -36.65 -21.40 6.50
N ALA A 301 -35.86 -20.49 5.96
CA ALA A 301 -35.88 -20.30 4.52
C ALA A 301 -35.32 -21.53 3.77
N ASN A 302 -34.61 -22.41 4.45
CA ASN A 302 -34.05 -23.55 3.76
C ASN A 302 -34.73 -24.84 4.18
N GLY A 303 -35.91 -24.74 4.78
CA GLY A 303 -36.78 -25.88 4.98
C GLY A 303 -36.46 -26.67 6.20
N LEU A 304 -35.80 -26.07 7.17
CA LEU A 304 -35.46 -26.83 8.36
C LEU A 304 -36.25 -26.44 9.61
N LEU A 305 -37.30 -25.67 9.40
CA LEU A 305 -38.16 -25.21 10.47
C LEU A 305 -39.49 -24.84 9.83
N THR A 306 -40.56 -25.51 10.27
CA THR A 306 -41.90 -25.27 9.71
C THR A 306 -42.65 -24.42 10.74
N THR A 307 -42.96 -23.19 10.39
CA THR A 307 -43.58 -22.25 11.36
C THR A 307 -43.95 -20.97 10.67
N ALA A 308 -44.94 -20.29 11.25
CA ALA A 308 -45.33 -18.91 10.93
C ALA A 308 -44.69 -17.93 11.90
N ALA A 309 -44.10 -18.45 12.96
CA ALA A 309 -43.41 -17.57 13.94
C ALA A 309 -42.42 -16.63 13.22
N GLN A 310 -42.28 -15.43 13.77
CA GLN A 310 -41.34 -14.42 13.26
C GLN A 310 -40.19 -14.33 14.26
N TYR A 311 -38.93 -14.27 13.77
CA TYR A 311 -37.76 -14.21 14.66
C TYR A 311 -37.07 -12.90 14.43
N THR A 312 -36.97 -12.09 15.48
CA THR A 312 -36.48 -10.73 15.34
C THR A 312 -35.63 -10.45 16.55
N LEU A 313 -34.94 -9.33 16.49
CA LEU A 313 -34.16 -8.86 17.65
C LEU A 313 -35.05 -8.51 18.86
N HIS A 314 -36.37 -8.39 18.64
CA HIS A 314 -37.31 -8.20 19.74
C HIS A 314 -38.01 -9.45 20.19
N SER A 315 -37.66 -10.62 19.62
CA SER A 315 -38.09 -11.88 20.17
C SER A 315 -37.54 -12.13 21.54
N ASP A 316 -38.33 -12.84 22.36
CA ASP A 316 -37.90 -13.29 23.65
C ASP A 316 -36.82 -14.35 23.43
N GLN A 317 -35.72 -14.23 24.17
CA GLN A 317 -34.62 -15.19 24.05
C GLN A 317 -35.06 -16.62 24.26
N ASP A 319 -37.86 -18.01 23.39
CA ASP A 319 -38.47 -18.50 22.17
C ASP A 319 -37.41 -18.78 21.07
N LEU A 320 -36.38 -17.94 21.02
CA LEU A 320 -35.25 -18.14 20.11
C LEU A 320 -34.51 -19.39 20.43
N ASN A 321 -34.31 -19.68 21.70
CA ASN A 321 -33.60 -20.85 22.11
C ASN A 321 -34.38 -22.11 21.82
N GLN A 322 -35.70 -22.07 22.07
CA GLN A 322 -36.52 -23.22 21.75
C GLN A 322 -36.56 -23.46 20.27
N ALA A 323 -36.77 -22.41 19.46
CA ALA A 323 -36.74 -22.54 18.02
C ALA A 323 -35.45 -23.26 17.51
N ALA A 324 -34.28 -22.92 18.07
CA ALA A 324 -33.01 -23.48 17.62
C ALA A 324 -33.01 -24.95 17.92
N GLN A 325 -33.56 -25.33 19.07
CA GLN A 325 -33.69 -26.75 19.40
C GLN A 325 -34.64 -27.52 18.43
N ASP A 326 -35.74 -26.90 17.96
CA ASP A 326 -36.63 -27.50 16.96
C ASP A 326 -35.91 -27.62 15.60
N VAL A 327 -35.01 -26.70 15.31
CA VAL A 327 -34.26 -26.79 14.05
C VAL A 327 -33.36 -28.00 14.12
N GLN A 328 -32.79 -28.25 15.29
CA GLN A 328 -31.94 -29.41 15.43
C GLN A 328 -32.63 -30.74 15.10
N VAL A 329 -33.92 -30.80 15.44
CA VAL A 329 -34.75 -31.96 15.12
C VAL A 329 -34.73 -32.15 13.63
N ALA A 330 -34.98 -31.08 12.88
CA ALA A 330 -35.03 -31.20 11.47
C ALA A 330 -33.66 -31.48 10.86
N ILE A 331 -32.62 -30.85 11.42
CA ILE A 331 -31.24 -31.22 11.06
C ILE A 331 -30.95 -32.68 11.24
N GLU A 332 -31.19 -33.21 12.43
CA GLU A 332 -30.89 -34.61 12.67
C GLU A 332 -31.66 -35.60 11.76
N ARG A 333 -32.93 -35.27 11.48
CA ARG A 333 -33.72 -36.10 10.54
C ARG A 333 -33.01 -36.12 9.21
N ARG A 334 -32.56 -34.96 8.72
CA ARG A 334 -31.95 -34.96 7.42
C ARG A 334 -30.57 -35.64 7.45
N ILE A 335 -29.89 -35.59 8.60
CA ILE A 335 -28.64 -36.34 8.75
C ILE A 335 -28.87 -37.86 8.63
N ALA A 336 -29.95 -38.34 9.20
CA ALA A 336 -30.30 -39.77 9.15
C ALA A 336 -30.64 -40.23 7.72
N SER A 337 -31.42 -39.42 7.03
CA SER A 337 -31.83 -39.65 5.63
C SER A 337 -30.66 -39.60 4.66
N GLU A 338 -29.79 -38.63 4.88
CA GLU A 338 -28.72 -38.47 3.95
C GLU A 338 -27.48 -39.33 4.35
N HIS A 339 -27.51 -40.01 5.49
CA HIS A 339 -26.35 -40.78 6.06
C HIS A 339 -25.07 -39.94 6.21
N GLY A 340 -25.25 -38.66 6.53
CA GLY A 340 -24.10 -37.75 6.62
C GLY A 340 -24.41 -36.25 6.72
N THR A 341 -23.33 -35.45 6.83
CA THR A 341 -23.39 -34.04 7.14
C THR A 341 -22.86 -33.13 6.04
N ASP A 342 -22.50 -33.69 4.89
CA ASP A 342 -22.00 -32.83 3.80
C ASP A 342 -23.00 -31.76 3.34
N TRP A 343 -24.29 -32.09 3.30
CA TRP A 343 -25.32 -31.14 2.91
C TRP A 343 -25.33 -29.89 3.84
N LEU A 344 -25.07 -30.14 5.09
CA LEU A 344 -25.09 -29.14 6.18
C LEU A 344 -23.81 -28.28 6.12
N GLN A 345 -22.67 -28.93 5.85
CA GLN A 345 -21.41 -28.20 5.50
C GLN A 345 -21.75 -27.26 4.39
N LYS A 346 -22.42 -27.73 3.32
CA LYS A 346 -22.65 -26.82 2.18
C LYS A 346 -23.65 -25.77 2.63
N LEU A 347 -24.68 -26.17 3.38
CA LEU A 347 -25.78 -25.23 3.69
C LEU A 347 -25.27 -24.01 4.49
N LEU A 348 -24.44 -24.25 5.47
CA LEU A 348 -23.99 -23.12 6.32
C LEU A 348 -22.70 -22.46 5.88
N PHE A 349 -21.82 -23.22 5.22
CA PHE A 349 -20.45 -22.73 5.00
C PHE A 349 -20.02 -22.46 3.56
N GLU A 350 -20.87 -22.71 2.55
CA GLU A 350 -20.52 -22.41 1.14
C GLU A 350 -21.59 -21.52 0.53
N SER A 351 -21.30 -20.81 -0.56
CA SER A 351 -22.31 -19.99 -1.30
C SER A 351 -23.35 -20.89 -1.90
N GLN A 352 -24.60 -20.46 -1.76
CA GLN A 352 -25.72 -21.14 -2.34
C GLN A 352 -26.35 -20.02 -3.12
N ASN A 353 -26.52 -20.23 -4.43
CA ASN A 353 -27.19 -19.28 -5.31
C ASN A 353 -26.42 -17.99 -5.49
N ASN A 354 -25.09 -18.07 -5.57
CA ASN A 354 -24.26 -16.85 -5.56
C ASN A 354 -24.61 -15.84 -4.43
N ASN A 355 -25.17 -16.29 -3.31
CA ASN A 355 -25.18 -15.51 -2.07
C ASN A 355 -23.92 -15.83 -1.28
N PRO A 356 -23.43 -14.89 -0.46
CA PRO A 356 -22.37 -15.34 0.48
C PRO A 356 -22.89 -16.46 1.37
N SER A 357 -21.99 -17.29 1.94
CA SER A 357 -22.41 -18.30 2.84
C SER A 357 -23.13 -17.69 4.13
N PHE A 358 -23.90 -18.49 4.84
CA PHE A 358 -24.51 -18.02 6.08
C PHE A 358 -23.44 -17.28 6.94
N VAL A 359 -22.31 -17.94 7.19
CA VAL A 359 -21.22 -17.34 8.00
C VAL A 359 -20.87 -15.96 7.50
N LYS A 360 -20.61 -15.84 6.20
CA LYS A 360 -20.18 -14.56 5.62
C LYS A 360 -21.25 -13.55 5.54
N GLN A 361 -22.51 -13.95 5.71
CA GLN A 361 -23.57 -12.95 5.79
C GLN A 361 -23.55 -12.16 7.12
N GLN A 362 -22.83 -12.68 8.13
CA GLN A 362 -22.92 -12.12 9.48
C GLN A 362 -21.86 -11.05 9.67
N PHE A 363 -22.26 -9.88 10.19
CA PHE A 363 -21.40 -8.73 10.37
C PHE A 363 -20.10 -9.11 11.09
N ILE A 364 -20.20 -9.86 12.18
CA ILE A 364 -19.00 -10.11 12.97
C ILE A 364 -18.04 -11.10 12.27
N TRP A 365 -18.50 -11.69 11.18
CA TRP A 365 -17.69 -12.66 10.41
C TRP A 365 -17.48 -12.20 8.99
N ASN A 366 -17.49 -10.93 8.76
CA ASN A 366 -17.12 -10.43 7.46
C ASN A 366 -16.46 -9.09 7.55
N LYS A 367 -16.02 -8.56 6.43
CA LYS A 367 -15.21 -7.39 6.47
C LYS A 367 -15.89 -6.12 6.94
N ASP A 368 -17.22 -6.09 6.97
CA ASP A 368 -17.87 -4.91 7.52
C ASP A 368 -17.43 -4.62 8.93
N SER A 369 -17.19 -5.64 9.71
CA SER A 369 -16.75 -5.43 11.09
C SER A 369 -15.22 -5.13 11.24
N GLU A 370 -14.54 -4.98 10.12
CA GLU A 370 -13.09 -4.66 10.09
C GLU A 370 -12.87 -3.21 9.66
N TYR A 371 -13.90 -2.53 9.16
CA TYR A 371 -13.80 -1.09 8.93
C TYR A 371 -12.60 -0.68 8.05
N HIS A 372 -12.59 -1.23 6.84
CA HIS A 372 -11.50 -1.05 5.90
C HIS A 372 -11.48 0.37 5.44
N GLY A 373 -10.31 0.82 5.05
CA GLY A 373 -10.16 2.09 4.43
C GLY A 373 -9.75 3.18 5.40
N GLY A 374 -9.90 4.40 4.96
CA GLY A 374 -9.32 5.55 5.67
C GLY A 374 -8.15 6.16 4.92
N GLY A 375 -7.78 7.40 5.24
CA GLY A 375 -6.68 8.08 4.57
C GLY A 375 -5.30 7.44 4.75
N ASP A 376 -5.11 6.68 5.82
CA ASP A 376 -3.86 6.02 6.11
C ASP A 376 -3.83 4.55 5.67
N ALA A 377 -4.91 4.06 5.06
CA ALA A 377 -5.02 2.70 4.46
C ALA A 377 -4.59 2.75 2.98
N TRP A 378 -3.28 2.89 2.74
CA TRP A 378 -2.83 3.18 1.37
C TRP A 378 -3.15 2.09 0.44
N PHE A 379 -2.98 0.80 0.84
CA PHE A 379 -3.29 -0.31 -0.04
C PHE A 379 -4.07 -1.37 0.68
N GLN A 380 -4.82 -2.12 -0.11
CA GLN A 380 -5.45 -3.34 0.29
C GLN A 380 -6.49 -3.15 1.41
N GLY A 381 -6.99 -1.91 1.57
CA GLY A 381 -8.00 -1.61 2.61
C GLY A 381 -7.44 -1.33 3.95
N GLY A 382 -6.12 -1.32 4.07
CA GLY A 382 -5.49 -1.12 5.35
C GLY A 382 -5.09 -2.36 6.10
N TYR A 383 -4.71 -2.16 7.34
CA TYR A 383 -3.79 -3.07 8.03
C TYR A 383 -4.28 -3.48 9.42
N LEU A 384 -3.77 -4.62 9.85
CA LEU A 384 -3.85 -5.09 11.21
C LEU A 384 -2.47 -5.26 11.84
N LYS A 385 -2.25 -4.53 12.90
CA LYS A 385 -1.03 -4.55 13.68
C LYS A 385 -1.08 -5.59 14.77
N TYR A 386 -0.08 -6.44 14.82
CA TYR A 386 -0.01 -7.50 15.80
C TYR A 386 0.44 -6.99 17.16
N GLY A 387 -0.19 -7.54 18.21
CA GLY A 387 0.28 -7.41 19.58
C GLY A 387 0.42 -8.71 20.35
N ASN A 388 0.41 -8.61 21.68
CA ASN A 388 0.57 -9.77 22.55
C ASN A 388 -0.69 -10.09 23.35
N ASN A 389 -0.78 -11.32 23.82
CA ASN A 389 -1.92 -11.75 24.63
C ASN A 389 -1.40 -12.95 25.40
N PRO A 390 -1.82 -13.09 26.67
CA PRO A 390 -1.39 -14.26 27.44
C PRO A 390 -1.73 -15.59 26.79
N LEU A 391 -2.83 -15.64 26.05
CA LEU A 391 -3.26 -16.88 25.36
C LEU A 391 -2.50 -17.25 24.05
N THR A 392 -1.59 -16.36 23.59
CA THR A 392 -0.90 -16.56 22.31
C THR A 392 0.63 -16.54 22.46
N PRO A 393 1.18 -17.41 23.31
CA PRO A 393 2.63 -17.37 23.48
C PRO A 393 3.46 -17.60 22.20
N THR A 394 2.96 -18.35 21.27
CA THR A 394 3.72 -18.61 20.10
C THR A 394 3.69 -17.47 19.03
N THR A 395 2.76 -16.52 19.13
CA THR A 395 2.76 -15.35 18.29
C THR A 395 3.08 -14.00 18.94
N ASN A 396 3.35 -14.01 20.24
CA ASN A 396 3.76 -12.82 20.98
C ASN A 396 5.17 -12.32 20.50
N SER A 397 5.46 -11.05 20.74
CA SER A 397 6.78 -10.50 20.44
C SER A 397 7.16 -9.43 21.43
N ASP A 398 8.45 -9.37 21.79
CA ASP A 398 8.97 -8.26 22.56
C ASP A 398 9.45 -7.08 21.63
N TYR A 399 9.29 -7.25 20.31
CA TYR A 399 9.86 -6.28 19.37
C TYR A 399 8.76 -5.55 18.69
N ARG A 400 8.65 -5.69 17.34
CA ARG A 400 7.65 -4.95 16.58
C ARG A 400 7.68 -3.43 16.66
N GLN A 401 8.83 -2.84 16.87
CA GLN A 401 8.88 -1.36 16.80
C GLN A 401 9.16 -0.96 15.33
N PRO A 402 8.51 0.07 14.79
CA PRO A 402 8.77 0.38 13.35
C PRO A 402 10.18 0.94 13.09
N GLY A 403 10.70 1.80 13.98
CA GLY A 403 12.08 2.33 13.89
C GLY A 403 12.26 3.10 12.62
N ASN A 404 11.18 3.68 12.11
CA ASN A 404 11.27 4.55 10.93
C ASN A 404 9.98 5.33 10.82
N ALA A 405 9.89 6.21 9.86
CA ALA A 405 8.72 7.03 9.66
C ALA A 405 7.46 6.25 9.30
N PHE A 406 7.57 5.16 8.54
CA PHE A 406 6.41 4.35 8.19
C PHE A 406 6.61 2.93 8.67
N ASP A 407 5.56 2.14 8.55
CA ASP A 407 5.50 0.80 9.11
C ASP A 407 4.92 -0.16 8.06
N PHE A 408 3.62 -0.01 7.77
CA PHE A 408 2.88 -0.93 6.93
C PHE A 408 2.71 -0.41 5.51
N LEU A 409 2.66 -1.34 4.58
CA LEU A 409 2.37 -1.01 3.19
C LEU A 409 1.51 -2.07 2.48
N LEU A 410 1.99 -3.32 2.50
CA LEU A 410 1.46 -4.41 1.70
C LEU A 410 1.66 -5.76 2.42
N ALA A 411 0.66 -6.65 2.32
CA ALA A 411 0.83 -8.09 2.61
C ALA A 411 1.25 -8.30 4.06
N ASN A 412 2.14 -9.24 4.33
CA ASN A 412 2.61 -9.53 5.68
C ASN A 412 3.87 -8.73 5.96
N ASP A 413 3.77 -7.79 6.90
CA ASP A 413 4.84 -6.88 7.18
C ASP A 413 5.90 -7.55 8.05
N VAL A 414 7.12 -7.63 7.52
CA VAL A 414 8.20 -8.22 8.24
C VAL A 414 8.68 -7.34 9.40
N ASP A 415 8.97 -7.98 10.53
CA ASP A 415 9.41 -7.19 11.72
C ASP A 415 10.93 -7.09 11.66
N ASN A 416 11.42 -6.09 10.94
CA ASN A 416 12.87 -5.90 10.75
C ASN A 416 13.58 -5.36 12.00
N SER A 417 12.82 -5.04 13.05
CA SER A 417 13.43 -4.77 14.31
C SER A 417 13.84 -6.04 15.09
N ASN A 418 13.23 -7.17 14.77
CA ASN A 418 13.53 -8.40 15.58
C ASN A 418 14.98 -8.87 15.28
N PRO A 419 15.79 -9.16 16.30
CA PRO A 419 17.18 -9.54 16.06
C PRO A 419 17.36 -10.77 15.16
N VAL A 420 16.47 -11.77 15.25
CA VAL A 420 16.57 -12.98 14.41
C VAL A 420 16.30 -12.62 12.99
N VAL A 421 15.32 -11.74 12.79
CA VAL A 421 15.01 -11.27 11.47
C VAL A 421 16.17 -10.42 10.85
N GLN A 422 16.77 -9.52 11.63
CA GLN A 422 17.98 -8.81 11.20
C GLN A 422 19.12 -9.74 10.72
N ALA A 423 19.36 -10.83 11.45
CA ALA A 423 20.33 -11.79 10.98
C ALA A 423 19.85 -12.40 9.68
N GLU A 424 18.57 -12.77 9.58
CA GLU A 424 18.08 -13.34 8.34
C GLU A 424 18.28 -12.35 7.17
N ASN A 425 18.05 -11.06 7.38
CA ASN A 425 18.23 -10.10 6.34
C ASN A 425 19.67 -10.08 5.85
N LEU A 426 20.64 -10.23 6.76
CA LEU A 426 22.05 -10.33 6.41
C LEU A 426 22.33 -11.59 5.64
N ASN A 427 21.70 -12.69 6.04
CA ASN A 427 21.82 -13.96 5.32
C ASN A 427 21.36 -13.83 3.91
N TRP A 428 20.19 -13.24 3.73
CA TRP A 428 19.62 -13.09 2.38
C TRP A 428 20.48 -12.12 1.51
N LEU A 429 20.86 -11.00 2.08
CA LEU A 429 21.76 -10.07 1.39
C LEU A 429 23.06 -10.77 0.89
N HIS A 430 23.67 -11.56 1.76
CA HIS A 430 24.85 -12.32 1.43
C HIS A 430 24.59 -13.25 0.24
N TYR A 431 23.46 -13.98 0.28
CA TYR A 431 22.98 -14.84 -0.78
C TYR A 431 22.91 -14.13 -2.07
N LEU A 432 22.28 -12.98 -2.07
CA LEU A 432 22.10 -12.23 -3.33
C LEU A 432 23.44 -11.72 -3.84
N MET A 433 24.28 -11.21 -2.93
CA MET A 433 25.57 -10.69 -3.31
C MET A 433 26.57 -11.80 -3.74
N ASN A 434 26.20 -13.05 -3.55
CA ASN A 434 27.08 -14.17 -3.92
C ASN A 434 26.25 -15.19 -4.65
N PHE A 435 25.23 -14.72 -5.38
CA PHE A 435 24.22 -15.63 -5.90
C PHE A 435 24.86 -16.70 -6.86
N GLY A 436 25.70 -16.22 -7.80
CA GLY A 436 26.32 -17.12 -8.77
C GLY A 436 27.31 -18.06 -8.12
N THR A 437 28.08 -17.57 -7.18
CA THR A 437 29.04 -18.38 -6.46
C THR A 437 28.33 -19.54 -5.74
N ILE A 438 27.27 -19.17 -5.07
CA ILE A 438 26.49 -20.09 -4.31
C ILE A 438 25.77 -21.13 -5.15
N THR A 439 25.12 -20.71 -6.22
CA THR A 439 24.26 -21.60 -6.92
C THR A 439 24.95 -22.38 -8.01
N ALA A 440 26.12 -21.94 -8.47
CA ALA A 440 26.80 -22.61 -9.56
C ALA A 440 28.29 -22.52 -9.53
N GLY A 441 28.88 -21.96 -8.47
CA GLY A 441 30.32 -21.78 -8.48
C GLY A 441 30.78 -20.78 -9.52
N GLN A 442 29.93 -19.81 -9.89
CA GLN A 442 30.30 -18.87 -10.97
C GLN A 442 30.50 -17.48 -10.36
N ASP A 443 31.73 -17.09 -10.06
CA ASP A 443 32.00 -15.91 -9.30
C ASP A 443 31.84 -14.59 -10.07
N ASP A 444 31.68 -14.66 -11.36
CA ASP A 444 31.31 -13.49 -12.18
C ASP A 444 29.78 -13.32 -12.41
N ALA A 445 28.98 -14.15 -11.71
CA ALA A 445 27.51 -14.08 -11.77
C ALA A 445 26.86 -13.62 -10.47
N ASN A 446 27.53 -12.72 -9.75
CA ASN A 446 26.98 -12.14 -8.50
C ASN A 446 26.54 -10.69 -8.65
N PHE A 447 25.47 -10.31 -7.91
CA PHE A 447 25.09 -8.92 -7.80
C PHE A 447 26.16 -8.06 -7.08
N ASP A 448 26.27 -6.78 -7.46
CA ASP A 448 27.31 -5.89 -6.97
C ASP A 448 26.85 -4.80 -5.99
N SER A 449 25.58 -4.48 -6.03
CA SER A 449 25.03 -3.29 -5.37
C SER A 449 23.57 -3.60 -5.06
N ILE A 450 22.89 -2.73 -4.30
CA ILE A 450 21.51 -2.96 -3.99
C ILE A 450 20.64 -1.73 -4.16
N ARG A 451 19.37 -2.00 -4.37
CA ARG A 451 18.32 -1.01 -4.17
C ARG A 451 17.58 -1.37 -2.93
N ILE A 452 17.40 -0.47 -1.97
CA ILE A 452 16.57 -0.74 -0.83
C ILE A 452 15.13 -0.28 -1.05
N ASP A 453 14.29 -1.24 -1.41
CA ASP A 453 12.87 -1.01 -1.70
C ASP A 453 12.14 -0.57 -0.42
N ALA A 454 11.27 0.43 -0.51
CA ALA A 454 10.45 0.88 0.65
C ALA A 454 11.27 1.11 1.90
N VAL A 455 12.39 1.80 1.70
CA VAL A 455 13.37 2.01 2.72
C VAL A 455 12.75 2.67 3.97
N ASP A 456 11.82 3.60 3.80
CA ASP A 456 11.24 4.28 4.93
C ASP A 456 10.21 3.41 5.74
N PHE A 457 9.96 2.21 5.28
CA PHE A 457 9.01 1.24 5.87
C PHE A 457 9.64 0.12 6.62
N ILE A 458 10.95 0.20 6.80
CA ILE A 458 11.69 -0.79 7.55
C ILE A 458 12.54 -0.14 8.62
N HIS A 459 12.78 -0.86 9.71
CA HIS A 459 13.51 -0.39 10.84
C HIS A 459 14.93 0.06 10.51
N ASN A 460 15.29 1.23 11.00
CA ASN A 460 16.61 1.80 10.74
C ASN A 460 17.76 0.89 11.12
N ASP A 461 17.62 0.04 12.12
CA ASP A 461 18.73 -0.81 12.50
C ASP A 461 19.09 -1.76 11.37
N THR A 462 18.10 -2.26 10.63
CA THR A 462 18.45 -3.19 9.59
C THR A 462 19.09 -2.49 8.39
N ILE A 463 18.71 -1.26 8.14
CA ILE A 463 19.38 -0.40 7.10
C ILE A 463 20.84 -0.15 7.47
N GLN A 464 21.09 0.31 8.69
CA GLN A 464 22.44 0.55 9.21
C GLN A 464 23.29 -0.68 9.15
N ARG A 465 22.73 -1.82 9.52
CA ARG A 465 23.47 -3.05 9.55
C ARG A 465 23.78 -3.55 8.14
N THR A 466 22.85 -3.30 7.24
CA THR A 466 23.06 -3.61 5.82
C THR A 466 24.28 -2.81 5.25
N TYR A 467 24.34 -1.51 5.54
CA TYR A 467 25.40 -0.67 5.08
C TYR A 467 26.72 -1.16 5.69
N ASP A 468 26.72 -1.56 6.94
CA ASP A 468 27.95 -2.19 7.51
C ASP A 468 28.37 -3.43 6.80
N TYR A 469 27.45 -4.27 6.36
CA TYR A 469 27.82 -5.43 5.59
C TYR A 469 28.56 -5.03 4.32
N LEU A 470 28.02 -4.04 3.61
CA LEU A 470 28.65 -3.58 2.35
C LEU A 470 30.05 -2.96 2.57
N ARG A 471 30.24 -2.25 3.68
CA ARG A 471 31.52 -1.75 4.09
C ARG A 471 32.48 -2.93 4.37
N ASP A 472 32.01 -3.91 5.11
CA ASP A 472 32.82 -5.12 5.43
C ASP A 472 33.24 -5.93 4.22
N ALA A 473 32.30 -6.14 3.33
CA ALA A 473 32.49 -6.95 2.17
C ALA A 473 33.28 -6.30 1.03
N TYR A 474 33.05 -5.01 0.77
CA TYR A 474 33.57 -4.32 -0.35
C TYR A 474 34.43 -3.12 -0.01
N GLN A 475 34.58 -2.73 1.26
CA GLN A 475 35.44 -1.62 1.66
C GLN A 475 35.06 -0.31 0.94
N VAL A 476 33.77 -0.17 0.69
CA VAL A 476 33.28 1.02 0.01
C VAL A 476 33.66 2.34 0.69
N GLN A 477 33.83 2.34 2.01
CA GLN A 477 34.15 3.55 2.72
C GLN A 477 35.60 4.05 2.46
N GLN A 478 36.44 3.18 1.92
CA GLN A 478 37.88 3.45 1.81
C GLN A 478 38.21 4.56 0.77
N SER A 479 37.56 4.55 -0.41
CA SER A 479 37.83 5.52 -1.45
C SER A 479 36.74 5.48 -2.48
N GLU A 480 36.70 6.49 -3.33
CA GLU A 480 35.69 6.49 -4.39
C GLU A 480 35.85 5.33 -5.39
N ALA A 481 37.05 4.87 -5.60
CA ALA A 481 37.28 3.65 -6.37
C ALA A 481 36.52 2.44 -5.88
N LYS A 482 36.48 2.22 -4.58
CA LYS A 482 35.68 1.17 -4.06
C LYS A 482 34.18 1.55 -4.01
N ALA A 483 33.86 2.74 -3.56
CA ALA A 483 32.46 3.06 -3.41
C ALA A 483 31.78 2.98 -4.77
N ASN A 484 32.46 3.49 -5.81
CA ASN A 484 31.89 3.55 -7.14
C ASN A 484 31.77 2.24 -7.91
N GLN A 485 32.35 1.15 -7.40
CA GLN A 485 32.13 -0.14 -7.89
C GLN A 485 30.84 -0.80 -7.31
N HIS A 486 30.15 -0.12 -6.38
CA HIS A 486 29.02 -0.72 -5.68
C HIS A 486 28.03 0.39 -5.33
N ILE A 487 27.53 1.02 -6.36
CA ILE A 487 26.71 2.22 -6.16
C ILE A 487 25.26 1.73 -5.83
N SER A 488 24.88 1.89 -4.60
CA SER A 488 23.52 1.47 -4.15
C SER A 488 22.60 2.64 -4.06
N LEU A 489 21.29 2.38 -4.03
CA LEU A 489 20.31 3.43 -3.88
C LEU A 489 19.15 3.00 -3.09
N VAL A 490 18.35 3.97 -2.66
CA VAL A 490 17.19 3.70 -1.85
C VAL A 490 15.98 4.39 -2.45
N GLU A 491 14.82 3.85 -2.17
CA GLU A 491 13.56 4.42 -2.63
C GLU A 491 12.98 5.55 -1.71
N ALA A 492 13.65 6.70 -1.66
CA ALA A 492 13.28 7.81 -0.77
C ALA A 492 14.20 8.99 -1.15
N GLY A 493 13.85 10.14 -0.63
CA GLY A 493 14.59 11.38 -0.73
C GLY A 493 15.39 11.63 0.52
N LEU A 494 15.52 12.90 0.86
CA LEU A 494 16.29 13.28 2.08
C LEU A 494 15.77 12.71 3.41
N ASP A 495 14.53 12.20 3.37
CA ASP A 495 13.88 11.58 4.49
CA ASP A 495 14.01 11.65 4.62
C ASP A 495 14.58 10.29 4.94
N ALA A 496 15.38 9.72 4.05
CA ALA A 496 16.08 8.48 4.35
C ALA A 496 17.37 8.78 5.12
N GLY A 497 17.23 9.10 6.41
CA GLY A 497 18.30 9.64 7.19
C GLY A 497 19.39 8.69 7.53
N THR A 498 19.13 7.39 7.53
CA THR A 498 20.23 6.46 7.65
C THR A 498 21.09 6.27 6.38
N SER A 499 20.56 6.71 5.25
CA SER A 499 21.26 6.58 3.99
C SER A 499 22.00 7.91 3.69
N THR A 500 21.51 9.03 4.20
CA THR A 500 22.19 10.30 4.01
C THR A 500 23.23 10.67 5.06
N ILE A 501 23.17 10.11 6.26
CA ILE A 501 24.13 10.49 7.31
C ILE A 501 25.59 10.31 6.86
N HIS A 502 25.91 9.18 6.22
CA HIS A 502 27.22 8.91 5.67
C HIS A 502 27.18 8.68 4.17
N ASN A 503 26.08 9.05 3.51
CA ASN A 503 25.85 8.87 2.07
C ASN A 503 26.36 7.47 1.68
N ASP A 504 25.85 6.46 2.39
CA ASP A 504 26.06 5.10 1.97
C ASP A 504 25.34 4.69 0.68
N ALA A 505 24.33 5.41 0.25
CA ALA A 505 23.55 5.11 -0.96
C ALA A 505 23.01 6.37 -1.49
N LEU A 506 22.67 6.38 -2.79
CA LEU A 506 22.03 7.51 -3.44
C LEU A 506 20.61 7.64 -2.94
N ILE A 507 20.16 8.87 -2.76
CA ILE A 507 18.75 9.14 -2.51
C ILE A 507 18.19 9.79 -3.74
N GLU A 508 16.87 9.78 -3.92
CA GLU A 508 16.25 10.38 -5.07
C GLU A 508 16.27 11.92 -4.98
N SER A 509 16.71 12.57 -6.05
CA SER A 509 16.60 14.03 -6.16
C SER A 509 15.15 14.48 -6.32
N ASN A 510 14.92 15.79 -6.20
CA ASN A 510 13.59 16.34 -6.36
C ASN A 510 13.22 16.59 -7.84
N LEU A 511 14.07 16.20 -8.79
CA LEU A 511 13.80 16.48 -10.18
C LEU A 511 12.43 16.00 -10.65
N ARG A 512 12.08 14.79 -10.29
CA ARG A 512 10.84 14.25 -10.68
C ARG A 512 9.63 15.13 -10.28
N GLU A 513 9.59 15.45 -9.01
CA GLU A 513 8.53 16.28 -8.48
C GLU A 513 8.50 17.68 -9.08
N ALA A 514 9.66 18.31 -9.20
CA ALA A 514 9.79 19.61 -9.81
C ALA A 514 9.30 19.62 -11.31
N ALA A 515 9.70 18.61 -12.03
CA ALA A 515 9.31 18.46 -13.42
C ALA A 515 7.82 18.17 -13.56
N THR A 516 7.23 17.53 -12.55
CA THR A 516 5.83 17.30 -12.53
C THR A 516 4.99 18.60 -12.28
N LEU A 517 5.60 19.63 -11.75
CA LEU A 517 5.01 20.94 -11.57
C LEU A 517 5.14 21.82 -12.82
N SER A 518 6.29 21.73 -13.51
CA SER A 518 6.64 22.72 -14.56
C SER A 518 6.77 22.20 -15.96
N LEU A 519 6.87 20.88 -16.13
CA LEU A 519 7.02 20.32 -17.49
C LEU A 519 6.01 19.29 -17.96
N THR A 520 5.59 18.38 -17.08
CA THR A 520 4.79 17.25 -17.50
C THR A 520 3.30 17.56 -17.78
N ASN A 521 2.83 18.72 -17.39
CA ASN A 521 1.40 19.03 -17.53
C ASN A 521 1.05 19.53 -18.88
N GLU A 522 -0.24 19.56 -19.19
CA GLU A 522 -0.71 20.12 -20.45
C GLU A 522 -0.56 21.60 -20.48
N PRO A 523 -0.69 22.20 -21.69
CA PRO A 523 -0.56 23.63 -21.77
C PRO A 523 -1.60 24.40 -20.93
N GLY A 524 -1.15 25.42 -20.22
CA GLY A 524 -1.98 26.16 -19.29
C GLY A 524 -1.86 25.62 -17.90
N LYS A 525 -1.24 24.44 -17.69
CA LYS A 525 -1.14 23.86 -16.37
C LYS A 525 0.28 23.68 -15.77
N ASN A 526 1.30 24.15 -16.48
CA ASN A 526 2.65 24.11 -15.93
C ASN A 526 3.04 25.38 -15.22
N LYS A 527 3.78 25.25 -14.10
CA LYS A 527 4.38 26.37 -13.43
C LYS A 527 5.61 26.84 -14.22
N PRO A 528 6.12 28.03 -13.91
CA PRO A 528 7.40 28.45 -14.53
C PRO A 528 8.61 27.57 -14.27
N LEU A 529 9.57 27.62 -15.21
CA LEU A 529 10.76 26.76 -15.17
C LEU A 529 11.79 27.18 -14.16
N THR A 530 11.56 28.31 -13.45
CA THR A 530 12.41 28.75 -12.42
C THR A 530 12.47 27.70 -11.31
N ASN A 531 11.54 26.80 -11.23
CA ASN A 531 11.68 25.74 -10.19
C ASN A 531 12.73 24.65 -10.51
N MET A 532 13.31 24.74 -11.69
CA MET A 532 14.34 23.82 -12.14
C MET A 532 15.75 24.23 -11.86
N LEU A 533 15.93 25.44 -11.28
CA LEU A 533 17.22 26.05 -11.07
C LEU A 533 17.97 25.48 -9.85
N GLN A 534 17.22 25.03 -8.87
CA GLN A 534 17.77 24.39 -7.73
C GLN A 534 17.02 23.10 -7.50
N ASP A 535 17.72 22.08 -7.03
CA ASP A 535 17.10 20.80 -6.61
C ASP A 535 16.92 20.82 -5.05
N VAL A 536 15.67 20.96 -4.60
CA VAL A 536 15.31 21.23 -3.19
CA VAL A 536 15.35 21.17 -3.17
C VAL A 536 14.29 20.19 -2.74
N ASP A 537 14.51 19.55 -1.60
CA ASP A 537 13.55 18.57 -1.09
C ASP A 537 12.99 19.23 0.23
N GLY A 538 11.76 19.70 0.19
CA GLY A 538 11.06 20.38 1.35
C GLY A 538 11.90 21.52 1.89
N GLY A 539 12.37 22.38 0.99
CA GLY A 539 13.27 23.44 1.36
C GLY A 539 14.71 23.12 1.71
N THR A 540 15.13 21.87 1.69
CA THR A 540 16.55 21.56 1.90
C THR A 540 17.25 21.35 0.55
N LEU A 541 18.34 22.04 0.35
CA LEU A 541 19.06 22.06 -0.93
C LEU A 541 19.81 20.77 -1.17
N ILE A 542 19.53 20.14 -2.27
CA ILE A 542 20.30 18.97 -2.67
C ILE A 542 21.49 19.46 -3.53
N THR A 543 21.17 20.24 -4.55
CA THR A 543 22.17 20.87 -5.39
C THR A 543 21.62 22.12 -6.09
N ASP A 544 22.46 23.10 -6.33
CA ASP A 544 22.03 24.34 -7.00
C ASP A 544 22.67 24.30 -8.40
N HIS A 545 21.88 24.43 -9.48
CA HIS A 545 22.48 24.36 -10.84
C HIS A 545 22.93 25.71 -11.34
N THR A 546 22.58 26.81 -10.65
CA THR A 546 22.64 28.11 -11.31
C THR A 546 24.07 28.53 -11.60
N GLN A 547 24.97 28.23 -10.69
CA GLN A 547 26.39 28.51 -10.90
C GLN A 547 27.24 27.46 -10.18
N ASN A 548 27.22 26.20 -10.65
CA ASN A 548 27.76 25.10 -9.86
C ASN A 548 29.18 24.85 -10.34
N SER A 549 30.16 25.36 -9.58
CA SER A 549 31.54 25.20 -9.90
C SER A 549 32.36 24.40 -8.86
N THR A 550 31.69 23.67 -7.97
CA THR A 550 32.35 23.01 -6.89
C THR A 550 32.14 21.53 -6.99
N GLU A 551 32.79 20.80 -6.11
CA GLU A 551 32.62 19.35 -6.09
C GLU A 551 32.50 18.88 -4.63
N ASN A 552 31.94 17.70 -4.46
CA ASN A 552 31.76 17.08 -3.14
C ASN A 552 30.91 17.89 -2.16
N GLN A 553 29.97 18.69 -2.66
CA GLN A 553 29.07 19.47 -1.82
C GLN A 553 27.62 18.96 -1.85
N ALA A 554 27.15 18.54 -3.01
CA ALA A 554 25.77 18.09 -3.11
C ALA A 554 25.61 16.75 -2.41
N THR A 555 24.42 16.46 -1.98
CA THR A 555 24.09 15.09 -1.50
C THR A 555 24.06 14.13 -2.65
N PRO A 556 24.79 13.00 -2.62
CA PRO A 556 24.76 12.10 -3.78
C PRO A 556 23.36 11.59 -4.04
N ASN A 557 22.91 11.73 -5.27
CA ASN A 557 21.50 11.52 -5.55
C ASN A 557 21.36 10.91 -6.92
N TYR A 558 20.21 10.29 -7.20
CA TYR A 558 19.86 9.87 -8.52
C TYR A 558 18.67 10.69 -8.92
N SER A 559 18.52 10.93 -10.23
CA SER A 559 17.45 11.69 -10.82
C SER A 559 16.67 10.89 -11.85
N ILE A 560 15.35 10.96 -11.75
CA ILE A 560 14.45 10.21 -12.61
C ILE A 560 13.25 11.08 -13.00
N ILE A 561 12.51 10.63 -14.02
CA ILE A 561 11.14 11.14 -14.24
C ILE A 561 10.07 10.07 -14.02
N HIS A 562 10.35 8.84 -14.43
CA HIS A 562 9.44 7.73 -14.32
C HIS A 562 10.17 6.58 -13.70
N ALA A 563 9.42 5.69 -13.03
CA ALA A 563 9.94 4.38 -12.68
C ALA A 563 8.88 3.33 -12.92
N HIS A 564 9.16 2.07 -12.62
CA HIS A 564 8.15 1.06 -12.81
C HIS A 564 6.87 1.45 -12.08
N ASP A 565 6.99 2.06 -10.91
CA ASP A 565 5.83 2.57 -10.24
C ASP A 565 5.60 4.09 -10.48
N LYS A 566 6.59 4.91 -10.19
CA LYS A 566 6.41 6.36 -10.10
C LYS A 566 6.01 6.96 -11.43
N GLY A 567 4.77 7.54 -11.48
CA GLY A 567 4.29 8.30 -12.63
C GLY A 567 3.86 7.44 -13.78
N VAL A 568 3.69 6.17 -13.48
CA VAL A 568 3.41 5.20 -14.50
C VAL A 568 2.21 4.37 -14.10
N GLN A 569 2.32 3.70 -12.95
CA GLN A 569 1.44 2.53 -12.77
C GLN A 569 0.03 2.98 -12.58
N GLU A 570 -0.18 4.15 -12.00
CA GLU A 570 -1.56 4.67 -11.98
C GLU A 570 -2.09 5.35 -13.23
N LYS A 571 -1.23 5.76 -14.15
CA LYS A 571 -1.73 6.30 -15.44
C LYS A 571 -2.08 5.13 -16.37
N VAL A 572 -1.24 4.08 -16.39
CA VAL A 572 -1.64 2.96 -17.24
C VAL A 572 -2.94 2.44 -16.62
N GLY A 573 -2.96 2.39 -15.30
CA GLY A 573 -4.05 1.87 -14.53
C GLY A 573 -5.32 2.55 -14.96
N ALA A 574 -5.24 3.85 -15.17
CA ALA A 574 -6.38 4.67 -15.55
C ALA A 574 -6.85 4.40 -16.96
N ALA A 575 -5.94 4.18 -17.90
CA ALA A 575 -6.31 3.75 -19.27
C ALA A 575 -6.94 2.32 -19.29
N ILE A 576 -6.48 1.43 -18.40
CA ILE A 576 -7.02 0.05 -18.26
C ILE A 576 -8.44 0.12 -17.74
N THR A 577 -8.67 0.94 -16.71
CA THR A 577 -10.02 1.13 -16.13
C THR A 577 -10.94 1.80 -17.11
N ASP A 578 -10.41 2.72 -17.89
CA ASP A 578 -11.25 3.40 -18.89
C ASP A 578 -11.53 2.50 -20.03
N ALA A 579 -10.59 1.69 -20.49
CA ALA A 579 -10.86 0.88 -21.65
C ALA A 579 -11.66 -0.39 -21.28
N THR A 580 -11.69 -0.78 -20.00
CA THR A 580 -12.27 -2.05 -19.61
C THR A 580 -13.05 -2.12 -18.25
N GLY A 581 -13.05 -1.09 -17.43
CA GLY A 581 -13.72 -1.16 -16.15
C GLY A 581 -12.89 -1.89 -15.09
N ALA A 582 -11.88 -2.71 -15.45
CA ALA A 582 -11.12 -3.36 -14.38
C ALA A 582 -10.41 -2.35 -13.43
N ASP A 583 -10.16 -2.87 -12.26
CA ASP A 583 -9.53 -2.16 -11.19
C ASP A 583 -8.03 -2.15 -11.52
N TRP A 584 -7.32 -1.08 -11.15
CA TRP A 584 -5.93 -0.95 -11.60
C TRP A 584 -4.96 -1.98 -11.03
N THR A 585 -5.31 -2.64 -9.90
CA THR A 585 -4.45 -3.67 -9.25
C THR A 585 -4.77 -5.10 -9.56
N ASN A 586 -5.82 -5.31 -10.39
CA ASN A 586 -6.37 -6.65 -10.67
C ASN A 586 -7.22 -6.66 -11.97
N PHE A 587 -6.67 -7.30 -13.00
CA PHE A 587 -7.22 -7.37 -14.36
C PHE A 587 -6.62 -8.61 -15.09
N THR A 588 -7.21 -8.97 -16.24
CA THR A 588 -6.68 -10.06 -17.08
C THR A 588 -5.60 -9.66 -18.09
N ASP A 589 -4.85 -10.64 -18.58
CA ASP A 589 -3.99 -10.39 -19.75
C ASP A 589 -4.76 -9.56 -20.80
N GLU A 590 -6.05 -9.83 -20.96
CA GLU A 590 -6.75 -9.31 -22.11
C GLU A 590 -7.20 -7.90 -21.84
N GLN A 591 -7.61 -7.60 -20.61
CA GLN A 591 -7.96 -6.21 -20.27
C GLN A 591 -6.72 -5.25 -20.31
N LEU A 592 -5.60 -5.78 -19.88
CA LEU A 592 -4.31 -5.06 -19.90
C LEU A 592 -3.90 -4.71 -21.29
N LYS A 593 -3.94 -5.70 -22.16
CA LYS A 593 -3.70 -5.48 -23.58
C LYS A 593 -4.53 -4.31 -24.16
N ALA A 594 -5.82 -4.34 -23.89
CA ALA A 594 -6.70 -3.22 -24.26
C ALA A 594 -6.31 -1.87 -23.69
N GLY A 595 -5.98 -1.82 -22.39
CA GLY A 595 -5.52 -0.61 -21.74
C GLY A 595 -4.24 -0.13 -22.41
N LEU A 596 -3.32 -1.04 -22.70
CA LEU A 596 -2.03 -0.67 -23.27
C LEU A 596 -2.18 -0.11 -24.71
N GLU A 597 -3.12 -0.64 -25.48
CA GLU A 597 -3.42 -0.04 -26.77
C GLU A 597 -3.85 1.42 -26.68
N LEU A 598 -4.89 1.71 -25.92
CA LEU A 598 -5.29 3.05 -25.62
C LEU A 598 -4.10 3.93 -25.10
N PHE A 599 -3.36 3.42 -24.11
CA PHE A 599 -2.18 4.16 -23.49
C PHE A 599 -1.12 4.59 -24.50
N TYR A 600 -0.69 3.73 -25.41
CA TYR A 600 0.33 4.07 -26.37
C TYR A 600 -0.14 4.93 -27.52
N LYS A 601 -1.41 4.75 -27.89
CA LYS A 601 -2.02 5.68 -28.83
C LYS A 601 -2.09 7.10 -28.26
N ASP A 602 -2.44 7.23 -27.00
CA ASP A 602 -2.40 8.49 -26.30
C ASP A 602 -0.93 9.03 -26.14
N GLN A 603 -0.01 8.13 -25.86
CA GLN A 603 1.40 8.52 -25.69
C GLN A 603 1.93 9.18 -26.94
N ARG A 604 1.53 8.63 -28.09
CA ARG A 604 1.93 9.10 -29.40
C ARG A 604 1.22 10.33 -29.93
N ALA A 605 0.27 10.86 -29.19
CA ALA A 605 -0.47 12.05 -29.66
C ALA A 605 0.09 13.37 -29.04
N THR A 606 -0.18 14.51 -29.69
CA THR A 606 0.16 15.83 -29.11
C THR A 606 -0.64 16.15 -27.88
N ASN A 607 -1.95 15.90 -27.93
CA ASN A 607 -2.86 16.11 -26.82
C ASN A 607 -2.94 14.80 -26.07
N LYS A 608 -2.45 14.75 -24.83
CA LYS A 608 -2.29 13.50 -24.07
C LYS A 608 -3.23 13.55 -22.86
N LYS A 609 -4.03 12.50 -22.66
CA LYS A 609 -4.89 12.39 -21.46
C LYS A 609 -4.26 11.57 -20.36
N TYR A 610 -3.46 10.55 -20.68
CA TYR A 610 -2.83 9.76 -19.63
C TYR A 610 -1.31 9.93 -19.53
N ASN A 611 -0.69 10.68 -20.43
CA ASN A 611 0.75 10.62 -20.58
C ASN A 611 1.39 11.96 -20.27
N SER A 612 2.62 11.90 -19.81
CA SER A 612 3.37 13.09 -19.45
C SER A 612 3.71 13.91 -20.69
N TYR A 613 3.68 15.21 -20.58
CA TYR A 613 4.20 16.09 -21.68
C TYR A 613 5.72 16.27 -21.48
N ASN A 614 6.44 16.61 -22.53
CA ASN A 614 7.81 17.11 -22.43
C ASN A 614 8.82 16.07 -21.93
N ILE A 615 8.61 14.82 -22.28
CA ILE A 615 9.48 13.78 -21.71
C ILE A 615 10.95 13.95 -22.21
N PRO A 616 11.16 14.18 -23.51
CA PRO A 616 12.56 14.37 -23.91
C PRO A 616 13.25 15.55 -23.31
N SER A 617 12.52 16.63 -23.08
CA SER A 617 13.06 17.79 -22.37
C SER A 617 13.52 17.45 -20.97
N ILE A 618 12.72 16.65 -20.29
CA ILE A 618 13.00 16.33 -18.89
C ILE A 618 14.27 15.45 -18.86
N TYR A 619 14.31 14.53 -19.78
CA TYR A 619 15.53 13.74 -19.96
C TYR A 619 16.78 14.54 -20.29
N ALA A 620 16.62 15.59 -21.08
CA ALA A 620 17.74 16.45 -21.42
C ALA A 620 18.25 17.10 -20.13
N LEU A 621 17.35 17.50 -19.23
CA LEU A 621 17.79 18.03 -17.98
C LEU A 621 18.49 16.94 -17.15
N MET A 622 17.85 15.81 -17.02
CA MET A 622 18.43 14.68 -16.24
C MET A 622 19.85 14.35 -16.73
N LEU A 623 20.04 14.35 -18.05
CA LEU A 623 21.24 13.83 -18.68
C LEU A 623 22.31 14.88 -18.83
N THR A 624 22.00 16.12 -18.50
CA THR A 624 23.01 17.16 -18.59
C THR A 624 23.31 17.83 -17.27
N ASN A 625 22.43 17.65 -16.29
CA ASN A 625 22.63 18.36 -15.01
C ASN A 625 23.86 17.84 -14.32
N LYS A 626 24.53 18.72 -13.54
CA LYS A 626 25.75 18.34 -12.81
C LYS A 626 25.28 17.78 -11.41
N ASP A 627 26.08 16.92 -10.79
CA ASP A 627 25.87 16.41 -9.39
C ASP A 627 24.58 15.56 -9.26
N THR A 628 24.49 14.53 -10.07
CA THR A 628 23.43 13.56 -9.99
C THR A 628 23.89 12.40 -10.79
N VAL A 629 23.39 11.23 -10.43
CA VAL A 629 23.42 10.05 -11.30
C VAL A 629 22.05 9.89 -11.92
N PRO A 630 21.92 10.03 -13.24
CA PRO A 630 20.59 9.79 -13.86
C PRO A 630 20.23 8.33 -13.89
N ARG A 631 18.94 8.06 -13.82
CA ARG A 631 18.46 6.75 -13.99
C ARG A 631 17.42 6.74 -15.14
N MET A 632 17.74 6.01 -16.18
CA MET A 632 16.87 5.84 -17.38
C MET A 632 15.81 4.81 -17.07
N TYR A 633 14.57 5.06 -17.51
CA TYR A 633 13.48 4.06 -17.25
C TYR A 633 13.22 3.32 -18.57
N TYR A 634 13.29 2.00 -18.49
CA TYR A 634 13.04 1.14 -19.63
C TYR A 634 11.77 1.55 -20.39
N GLY A 635 10.69 1.83 -19.65
CA GLY A 635 9.39 2.16 -20.28
C GLY A 635 9.33 3.46 -21.01
N ASP A 636 10.34 4.33 -20.81
CA ASP A 636 10.46 5.53 -21.62
C ASP A 636 11.11 5.32 -23.00
N MET A 637 11.77 4.20 -23.16
CA MET A 637 12.43 3.81 -24.39
C MET A 637 11.73 2.72 -25.21
N TYR A 638 10.90 1.92 -24.56
CA TYR A 638 10.20 0.74 -25.15
C TYR A 638 8.78 0.65 -24.64
N GLN A 639 7.88 0.08 -25.47
CA GLN A 639 6.46 0.02 -25.14
C GLN A 639 6.07 -1.40 -24.70
N ASP A 640 5.17 -1.48 -23.73
CA ASP A 640 4.73 -2.78 -23.29
C ASP A 640 3.66 -3.43 -24.13
N ASP A 641 3.25 -2.81 -25.24
CA ASP A 641 2.43 -3.55 -26.18
C ASP A 641 3.34 -4.51 -27.01
N GLY A 642 4.62 -4.54 -26.70
CA GLY A 642 5.49 -5.57 -27.25
C GLY A 642 6.26 -6.33 -26.20
N GLN A 643 6.86 -7.42 -26.64
CA GLN A 643 7.76 -8.19 -25.80
C GLN A 643 9.04 -7.33 -25.45
N TYR A 644 9.84 -7.78 -24.53
CA TYR A 644 11.01 -6.99 -24.06
C TYR A 644 11.91 -6.49 -25.13
N MET A 645 12.08 -5.16 -25.15
CA MET A 645 12.87 -4.45 -26.14
C MET A 645 12.38 -4.58 -27.58
N ALA A 646 11.18 -5.04 -27.79
CA ALA A 646 10.65 -5.20 -29.18
C ALA A 646 10.09 -3.96 -29.87
N ASN A 647 9.35 -3.13 -29.12
CA ASN A 647 8.70 -1.96 -29.68
C ASN A 647 9.30 -0.67 -29.09
N LYS A 648 10.02 0.10 -29.89
CA LYS A 648 10.58 1.36 -29.42
C LYS A 648 9.51 2.40 -29.16
N SER A 649 9.67 3.21 -28.11
CA SER A 649 8.73 4.34 -27.91
C SER A 649 9.02 5.44 -28.91
N ILE A 650 8.11 6.39 -28.96
CA ILE A 650 8.26 7.58 -29.73
C ILE A 650 9.41 8.45 -29.23
N TYR A 651 9.80 8.28 -27.98
CA TYR A 651 10.98 9.00 -27.44
C TYR A 651 12.38 8.37 -27.63
N TYR A 652 12.46 7.14 -28.10
CA TYR A 652 13.70 6.35 -28.16
C TYR A 652 14.89 7.13 -28.78
N ASP A 653 14.72 7.66 -29.99
CA ASP A 653 15.83 8.32 -30.68
C ASP A 653 16.32 9.53 -29.93
N ALA A 654 15.42 10.35 -29.38
CA ALA A 654 15.85 11.49 -28.55
C ALA A 654 16.65 11.06 -27.30
N LEU A 655 16.16 10.07 -26.61
CA LEU A 655 16.88 9.53 -25.47
C LEU A 655 18.20 8.89 -25.85
N VAL A 656 18.27 8.14 -26.93
CA VAL A 656 19.60 7.70 -27.39
C VAL A 656 20.56 8.80 -27.74
N SER A 657 20.08 9.81 -28.44
CA SER A 657 20.95 10.96 -28.77
C SER A 657 21.46 11.67 -27.53
N LEU A 658 20.62 11.78 -26.51
CA LEU A 658 21.02 12.43 -25.28
C LEU A 658 22.01 11.61 -24.48
N MET A 659 21.77 10.31 -24.36
CA MET A 659 22.75 9.48 -23.72
C MET A 659 24.10 9.49 -24.45
N THR A 660 24.04 9.37 -25.75
CA THR A 660 25.26 9.48 -26.61
C THR A 660 26.01 10.76 -26.38
N ALA A 661 25.30 11.90 -26.38
CA ALA A 661 25.93 13.15 -26.22
C ALA A 661 26.45 13.31 -24.78
N ARG A 662 25.73 12.73 -23.85
CA ARG A 662 26.21 12.89 -22.43
C ARG A 662 27.61 12.25 -22.29
N LYS A 663 27.76 11.04 -22.78
CA LYS A 663 29.01 10.32 -22.72
C LYS A 663 30.12 11.09 -23.45
N SER A 664 29.86 11.65 -24.62
CA SER A 664 30.89 12.34 -25.37
C SER A 664 31.29 13.69 -24.87
N TYR A 665 30.32 14.45 -24.31
CA TYR A 665 30.47 15.84 -24.11
C TYR A 665 30.29 16.37 -22.66
N VAL A 666 29.52 15.68 -21.83
CA VAL A 666 29.07 16.33 -20.59
C VAL A 666 30.12 16.21 -19.51
N SER A 667 30.63 17.35 -19.09
CA SER A 667 31.63 17.43 -17.98
CA SER A 667 31.74 17.47 -18.12
C SER A 667 31.81 18.89 -17.59
N GLY A 668 32.55 19.11 -16.50
CA GLY A 668 32.85 20.42 -16.02
C GLY A 668 31.75 21.08 -15.24
N GLY A 669 31.86 22.39 -15.05
CA GLY A 669 30.89 23.22 -14.27
C GLY A 669 29.54 23.39 -14.98
N GLN A 670 28.59 23.97 -14.30
CA GLN A 670 27.27 24.21 -14.87
C GLN A 670 26.84 25.60 -14.50
N THR A 671 26.06 26.22 -15.40
CA THR A 671 25.30 27.34 -15.13
C THR A 671 23.91 27.09 -15.64
N MET A 672 22.95 27.78 -15.02
CA MET A 672 21.57 27.66 -15.42
C MET A 672 20.86 28.95 -15.04
N SER A 673 20.00 29.43 -15.96
CA SER A 673 19.16 30.61 -15.67
C SER A 673 17.88 30.50 -16.50
N VAL A 674 16.89 31.34 -16.20
CA VAL A 674 15.66 31.37 -16.95
C VAL A 674 15.57 32.78 -17.48
N ASP A 675 15.46 32.91 -18.79
CA ASP A 675 15.49 34.27 -19.36
C ASP A 675 14.18 34.97 -19.27
N ASN A 676 14.13 36.17 -19.85
CA ASN A 676 12.88 36.91 -19.90
C ASN A 676 11.79 36.36 -20.80
N HIS A 677 12.10 35.37 -21.63
CA HIS A 677 11.07 34.70 -22.39
C HIS A 677 10.61 33.42 -21.74
N GLY A 678 11.06 33.18 -20.53
CA GLY A 678 10.67 31.96 -19.83
C GLY A 678 11.53 30.74 -20.18
N LEU A 679 12.57 30.92 -21.02
CA LEU A 679 13.38 29.78 -21.43
C LEU A 679 14.42 29.46 -20.42
N LEU A 680 14.58 28.17 -20.17
CA LEU A 680 15.65 27.66 -19.29
C LEU A 680 16.90 27.39 -20.13
N LYS A 681 18.03 27.94 -19.68
CA LYS A 681 19.26 27.85 -20.44
C LYS A 681 20.26 27.21 -19.55
N SER A 682 20.81 26.07 -19.97
CA SER A 682 21.76 25.33 -19.13
C SER A 682 23.02 25.03 -19.90
N VAL A 683 24.20 25.24 -19.30
CA VAL A 683 25.47 25.01 -19.97
C VAL A 683 26.35 24.18 -19.10
N ARG A 684 27.04 23.23 -19.71
CA ARG A 684 28.15 22.54 -19.12
C ARG A 684 29.41 22.97 -19.86
N PHE A 685 30.46 23.29 -19.10
CA PHE A 685 31.66 23.90 -19.72
C PHE A 685 32.63 22.96 -20.38
N GLY A 686 32.67 21.70 -19.99
CA GLY A 686 33.64 20.76 -20.43
C GLY A 686 34.73 20.39 -19.44
N LYS A 687 35.49 19.36 -19.75
CA LYS A 687 36.40 18.83 -18.75
C LYS A 687 37.36 19.85 -18.17
N ASP A 688 37.45 19.82 -16.86
CA ASP A 688 38.31 20.69 -16.05
C ASP A 688 37.96 22.18 -16.11
N ALA A 689 36.82 22.57 -16.66
CA ALA A 689 36.48 23.94 -16.57
C ALA A 689 35.30 24.06 -15.65
N MET A 690 35.51 24.65 -14.46
CA MET A 690 34.48 24.64 -13.47
CA MET A 690 34.51 24.69 -13.42
C MET A 690 33.64 25.90 -13.53
N THR A 691 34.21 27.00 -14.00
CA THR A 691 33.51 28.24 -14.12
C THR A 691 33.52 28.66 -15.57
N ALA A 692 32.71 29.64 -15.90
CA ALA A 692 32.66 30.13 -17.21
C ALA A 692 33.98 30.78 -17.66
N ASN A 693 34.93 31.02 -16.76
CA ASN A 693 36.22 31.62 -17.17
C ASN A 693 37.40 30.72 -17.20
N ASP A 694 37.24 29.47 -16.77
CA ASP A 694 38.31 28.52 -16.90
C ASP A 694 38.52 28.08 -18.35
N LEU A 695 39.77 27.73 -18.70
CA LEU A 695 40.15 27.25 -20.01
C LEU A 695 40.21 25.76 -20.11
N GLY A 696 40.48 25.10 -19.00
CA GLY A 696 40.70 23.69 -18.99
C GLY A 696 41.86 23.22 -19.85
N THR A 697 41.76 22.00 -20.38
CA THR A 697 42.76 21.42 -21.26
C THR A 697 42.38 21.61 -22.74
N SER A 698 43.24 21.14 -23.62
CA SER A 698 42.92 21.17 -25.03
C SER A 698 41.77 20.19 -25.25
N ALA A 699 41.65 19.15 -24.44
CA ALA A 699 40.44 18.34 -24.43
C ALA A 699 39.11 19.17 -24.21
N THR A 700 39.15 20.22 -23.43
CA THR A 700 37.94 21.00 -23.10
C THR A 700 37.25 21.67 -24.28
N ARG A 701 38.06 22.01 -25.29
CA ARG A 701 37.57 22.74 -26.44
C ARG A 701 36.38 22.06 -27.15
N THR A 702 36.44 20.76 -27.26
CA THR A 702 35.42 19.98 -27.90
C THR A 702 34.51 19.24 -26.91
N GLU A 703 34.47 19.70 -25.69
CA GLU A 703 33.54 19.17 -24.69
C GLU A 703 32.61 20.27 -24.18
N GLY A 704 31.68 19.91 -23.31
CA GLY A 704 30.63 20.90 -22.89
C GLY A 704 29.44 20.82 -23.83
N LEU A 705 28.37 21.47 -23.43
CA LEU A 705 27.16 21.56 -24.25
C LEU A 705 26.19 22.56 -23.69
N GLY A 706 25.18 22.92 -24.49
CA GLY A 706 24.15 23.88 -24.09
C GLY A 706 22.80 23.32 -24.39
N VAL A 707 21.82 23.62 -23.52
CA VAL A 707 20.43 23.16 -23.63
C VAL A 707 19.53 24.35 -23.46
N ILE A 708 18.49 24.41 -24.29
CA ILE A 708 17.46 25.41 -24.19
C ILE A 708 16.14 24.71 -24.07
N ILE A 709 15.34 25.03 -23.03
CA ILE A 709 14.08 24.34 -22.83
C ILE A 709 13.00 25.38 -22.59
N GLY A 710 11.86 25.23 -23.25
CA GLY A 710 10.74 26.09 -22.87
C GLY A 710 9.54 25.23 -22.60
N ASN A 711 8.63 25.70 -21.77
CA ASN A 711 7.35 24.97 -21.53
C ASN A 711 6.11 25.66 -22.05
N ASP A 712 6.31 26.54 -23.03
CA ASP A 712 5.16 27.34 -23.59
C ASP A 712 5.06 27.11 -25.03
N PRO A 713 4.10 26.30 -25.45
CA PRO A 713 4.01 25.95 -26.84
C PRO A 713 3.62 27.08 -27.77
N LYS A 714 3.18 28.19 -27.20
CA LYS A 714 2.82 29.38 -27.99
C LYS A 714 3.84 30.49 -28.01
N LEU A 715 5.05 30.22 -27.49
CA LEU A 715 6.12 31.18 -27.47
C LEU A 715 6.40 31.70 -28.85
N GLN A 716 6.44 33.01 -28.94
CA GLN A 716 6.88 33.72 -30.15
C GLN A 716 7.78 34.84 -29.70
N LEU A 717 8.96 34.96 -30.31
CA LEU A 717 9.80 36.09 -30.06
C LEU A 717 9.50 37.20 -31.07
N ASN A 718 9.73 38.45 -30.71
CA ASN A 718 9.68 39.56 -31.66
C ASN A 718 10.97 39.58 -32.52
N ASP A 719 11.08 40.50 -33.47
CA ASP A 719 12.15 40.40 -34.44
C ASP A 719 13.48 40.85 -33.88
N SER A 720 13.50 41.60 -32.78
CA SER A 720 14.75 42.01 -32.22
C SER A 720 15.28 41.16 -31.04
N ASP A 721 14.49 40.28 -30.47
CA ASP A 721 14.88 39.59 -29.26
C ASP A 721 15.82 38.42 -29.61
N LYS A 722 16.77 38.16 -28.73
CA LYS A 722 17.76 37.08 -28.89
C LYS A 722 17.64 36.13 -27.71
N VAL A 723 18.01 34.89 -27.89
CA VAL A 723 18.13 33.95 -26.77
C VAL A 723 19.63 33.53 -26.87
N THR A 724 20.33 33.66 -25.79
CA THR A 724 21.77 33.42 -25.75
C THR A 724 22.15 32.28 -24.81
N LEU A 725 23.14 31.51 -25.22
CA LEU A 725 23.83 30.55 -24.33
C LEU A 725 25.31 30.93 -24.17
N ASP A 726 25.76 31.09 -22.94
CA ASP A 726 27.07 31.54 -22.61
C ASP A 726 27.94 30.31 -22.38
N MET A 727 28.61 29.89 -23.45
CA MET A 727 29.31 28.63 -23.47
C MET A 727 30.64 28.64 -22.73
N GLY A 728 31.17 29.82 -22.49
CA GLY A 728 32.33 29.94 -21.61
C GLY A 728 33.59 30.34 -22.37
N ALA A 729 34.62 30.66 -21.59
CA ALA A 729 35.88 31.12 -22.12
C ALA A 729 36.70 30.10 -22.92
N ALA A 730 36.42 28.82 -22.82
CA ALA A 730 37.09 27.81 -23.61
C ALA A 730 36.50 27.69 -25.04
N HIS A 731 35.45 28.46 -25.31
CA HIS A 731 34.58 28.20 -26.46
C HIS A 731 34.28 29.49 -27.22
N LYS A 732 35.28 30.38 -27.31
CA LYS A 732 35.12 31.58 -28.10
C LYS A 732 35.36 31.26 -29.60
N ASN A 733 34.64 31.94 -30.46
CA ASN A 733 34.80 31.87 -31.91
C ASN A 733 34.75 30.45 -32.37
N GLN A 734 33.67 29.71 -32.01
CA GLN A 734 33.67 28.28 -32.21
C GLN A 734 32.39 27.81 -32.87
N LYS A 735 32.56 26.81 -33.76
CA LYS A 735 31.46 26.18 -34.38
C LYS A 735 30.85 25.06 -33.48
N TYR A 736 29.54 25.11 -33.40
CA TYR A 736 28.67 24.22 -32.62
C TYR A 736 27.74 23.56 -33.63
N ARG A 737 27.27 22.38 -33.28
CA ARG A 737 26.31 21.66 -34.06
C ARG A 737 25.21 21.06 -33.18
N ALA A 738 24.03 20.84 -33.75
CA ALA A 738 22.90 20.36 -32.98
C ALA A 738 22.98 18.90 -32.65
N VAL A 739 22.51 18.56 -31.43
CA VAL A 739 22.16 17.15 -31.09
C VAL A 739 20.64 16.95 -31.22
N ILE A 740 19.88 17.93 -30.74
CA ILE A 740 18.43 17.94 -30.77
C ILE A 740 17.96 19.31 -31.23
N LEU A 741 16.99 19.29 -32.15
CA LEU A 741 16.27 20.51 -32.61
C LEU A 741 14.79 20.23 -32.56
N THR A 742 13.99 21.25 -32.23
CA THR A 742 12.56 21.11 -32.23
C THR A 742 12.06 21.28 -33.67
N THR A 743 11.26 20.34 -34.12
CA THR A 743 10.62 20.44 -35.44
C THR A 743 9.10 20.58 -35.31
N ARG A 744 8.43 20.83 -36.42
CA ARG A 744 6.95 20.88 -36.37
C ARG A 744 6.30 19.60 -35.85
N ASP A 745 6.77 18.49 -36.32
CA ASP A 745 6.18 17.20 -36.03
C ASP A 745 6.84 16.45 -34.89
N GLY A 746 8.05 16.85 -34.46
CA GLY A 746 8.75 16.07 -33.42
C GLY A 746 10.05 16.72 -32.96
N LEU A 747 11.10 15.94 -33.04
CA LEU A 747 12.47 16.31 -32.72
C LEU A 747 13.43 15.72 -33.72
N ALA A 748 14.29 16.56 -34.26
CA ALA A 748 15.36 16.09 -35.12
C ALA A 748 16.55 15.70 -34.23
N THR A 749 17.19 14.56 -34.47
CA THR A 749 18.24 14.10 -33.59
C THR A 749 19.47 13.85 -34.44
N PHE A 750 20.65 14.20 -33.93
CA PHE A 750 21.88 14.05 -34.66
C PHE A 750 22.96 13.48 -33.76
N ASN A 751 23.52 12.35 -34.18
CA ASN A 751 24.66 11.74 -33.47
C ASN A 751 26.02 11.88 -34.16
N SER A 752 26.22 12.90 -35.02
CA SER A 752 27.50 13.22 -35.56
C SER A 752 27.52 14.69 -35.87
N ASP A 753 28.65 15.23 -36.30
CA ASP A 753 28.76 16.64 -36.58
C ASP A 753 28.06 16.99 -37.88
N GLN A 754 27.52 16.02 -38.58
CA GLN A 754 26.69 16.33 -39.76
C GLN A 754 25.30 16.74 -39.32
N ALA A 755 25.15 18.02 -39.04
CA ALA A 755 23.98 18.60 -38.37
C ALA A 755 23.97 20.05 -38.65
N PRO A 756 22.82 20.72 -38.47
CA PRO A 756 22.90 22.15 -38.48
C PRO A 756 23.89 22.77 -37.49
N THR A 757 24.54 23.88 -37.89
CA THR A 757 25.64 24.50 -37.15
C THR A 757 25.34 25.95 -36.77
N ALA A 758 26.06 26.47 -35.78
CA ALA A 758 25.98 27.81 -35.32
C ALA A 758 27.33 28.16 -34.68
N TRP A 759 27.63 29.44 -34.53
CA TRP A 759 28.92 29.91 -34.08
C TRP A 759 28.85 30.73 -32.82
N THR A 760 29.75 30.52 -31.86
CA THR A 760 29.87 31.46 -30.78
C THR A 760 30.61 32.73 -31.26
N ASN A 761 30.46 33.81 -30.51
CA ASN A 761 31.07 35.09 -30.81
C ASN A 761 32.33 35.12 -30.00
N ASP A 762 33.03 36.25 -29.93
CA ASP A 762 34.32 36.28 -29.25
C ASP A 762 34.23 36.27 -27.71
N GLN A 763 33.03 36.25 -27.15
CA GLN A 763 32.80 35.98 -25.72
C GLN A 763 32.39 34.51 -25.44
N GLY A 764 32.20 33.67 -26.47
CA GLY A 764 31.73 32.33 -26.25
C GLY A 764 30.21 32.21 -26.23
N THR A 765 29.49 33.26 -26.64
CA THR A 765 28.07 33.23 -26.69
C THR A 765 27.49 32.71 -27.97
N LEU A 766 26.52 31.80 -27.84
CA LEU A 766 25.71 31.37 -28.97
C LEU A 766 24.44 32.22 -28.94
N THR A 767 24.02 32.70 -30.11
CA THR A 767 22.84 33.56 -30.20
C THR A 767 21.81 33.01 -31.13
N PHE A 768 20.57 32.93 -30.64
CA PHE A 768 19.48 32.46 -31.43
C PHE A 768 18.36 33.48 -31.47
N SER A 769 17.45 33.32 -32.43
CA SER A 769 16.35 34.28 -32.59
C SER A 769 15.15 33.62 -33.26
N ASN A 770 14.14 34.42 -33.69
CA ASN A 770 13.00 33.85 -34.39
C ASN A 770 13.29 33.56 -35.85
N GLN A 771 14.52 33.83 -36.29
CA GLN A 771 14.95 33.47 -37.66
C GLN A 771 15.90 32.30 -37.64
N GLU A 772 15.88 31.54 -38.73
CA GLU A 772 16.85 30.46 -38.99
C GLU A 772 18.26 31.00 -39.07
N ILE A 773 19.22 30.19 -38.67
CA ILE A 773 20.62 30.53 -38.79
C ILE A 773 21.07 30.03 -40.14
N ASN A 774 21.53 30.95 -41.02
CA ASN A 774 21.99 30.53 -42.36
C ASN A 774 21.01 29.67 -43.10
N GLY A 775 19.74 30.02 -43.01
CA GLY A 775 18.66 29.29 -43.68
C GLY A 775 18.43 27.84 -43.22
N GLN A 776 19.05 27.37 -42.10
CA GLN A 776 18.91 25.99 -41.69
C GLN A 776 17.59 25.76 -40.91
N ASP A 777 16.80 24.82 -41.40
CA ASP A 777 15.47 24.58 -40.85
C ASP A 777 15.62 24.26 -39.34
N ASN A 778 14.70 24.76 -38.51
CA ASN A 778 14.57 24.36 -37.06
C ASN A 778 15.68 24.90 -36.20
N THR A 779 16.39 25.90 -36.73
CA THR A 779 17.39 26.55 -35.91
C THR A 779 16.88 27.80 -35.29
N GLN A 780 15.62 28.16 -35.61
CA GLN A 780 15.00 29.28 -34.93
C GLN A 780 14.29 28.92 -33.61
N ILE A 781 14.09 29.88 -32.72
CA ILE A 781 13.41 29.60 -31.49
C ILE A 781 11.92 29.98 -31.65
N ARG A 782 11.07 29.03 -31.34
CA ARG A 782 9.62 29.27 -31.31
C ARG A 782 8.94 28.11 -30.60
N GLY A 783 7.84 28.40 -29.87
CA GLY A 783 7.08 27.31 -29.20
C GLY A 783 6.36 26.44 -30.19
N VAL A 784 6.29 25.15 -29.88
CA VAL A 784 5.69 24.12 -30.70
C VAL A 784 4.93 23.18 -29.77
N ALA A 785 3.81 22.67 -30.25
CA ALA A 785 3.08 21.53 -29.62
C ALA A 785 3.11 20.35 -30.56
N ASN A 786 3.81 19.28 -30.20
CA ASN A 786 3.77 18.08 -30.99
C ASN A 786 3.89 16.89 -29.97
N PRO A 787 3.90 15.68 -30.44
CA PRO A 787 3.88 14.58 -29.48
C PRO A 787 5.14 14.52 -28.56
N GLN A 788 6.27 15.07 -29.02
CA GLN A 788 7.47 14.98 -28.21
C GLN A 788 7.86 16.24 -27.47
N VAL A 789 7.21 17.35 -27.72
CA VAL A 789 7.54 18.60 -27.07
C VAL A 789 6.33 19.52 -27.01
N SER A 790 6.23 20.22 -25.90
CA SER A 790 5.18 21.17 -25.63
C SER A 790 5.78 22.40 -25.02
N GLY A 791 6.29 23.26 -25.92
CA GLY A 791 7.24 24.31 -25.55
C GLY A 791 8.39 24.27 -26.55
N TYR A 792 9.63 24.05 -26.09
CA TYR A 792 10.81 24.10 -26.96
C TYR A 792 11.94 23.30 -26.37
N LEU A 793 12.73 22.68 -27.24
CA LEU A 793 13.92 21.92 -26.83
C LEU A 793 15.00 22.00 -27.90
N ALA A 794 16.22 22.37 -27.52
CA ALA A 794 17.37 22.29 -28.44
C ALA A 794 18.60 21.98 -27.61
N VAL A 795 19.51 21.20 -28.17
CA VAL A 795 20.75 20.87 -27.49
C VAL A 795 21.86 21.03 -28.50
N TRP A 796 22.94 21.71 -28.08
CA TRP A 796 24.04 22.10 -28.98
C TRP A 796 25.38 21.66 -28.42
N VAL A 797 26.28 21.11 -29.27
CA VAL A 797 27.56 20.67 -28.85
C VAL A 797 28.69 21.26 -29.74
N PRO A 798 29.92 21.39 -29.20
CA PRO A 798 31.00 21.84 -30.09
C PRO A 798 31.34 20.82 -31.19
N VAL A 799 31.57 21.35 -32.38
CA VAL A 799 32.03 20.59 -33.51
C VAL A 799 33.47 20.12 -33.30
N GLY A 800 33.73 18.89 -33.70
CA GLY A 800 35.07 18.42 -33.82
C GLY A 800 35.56 17.37 -32.83
N ALA A 801 34.67 16.82 -32.03
CA ALA A 801 35.04 15.74 -31.13
C ALA A 801 35.67 14.61 -31.90
N SER A 802 36.72 14.03 -31.36
CA SER A 802 37.15 12.78 -31.92
C SER A 802 36.16 11.68 -31.80
N ASP A 803 36.34 10.73 -32.69
CA ASP A 803 35.59 9.50 -32.80
C ASP A 803 35.09 8.81 -31.52
N ASN A 804 35.93 8.72 -30.53
CA ASN A 804 35.62 7.96 -29.36
C ASN A 804 35.86 8.88 -28.16
N GLN A 805 35.69 10.17 -28.35
CA GLN A 805 35.77 11.10 -27.25
C GLN A 805 34.86 10.64 -26.12
N ASP A 806 35.36 10.74 -24.90
CA ASP A 806 34.67 10.29 -23.71
C ASP A 806 34.95 11.33 -22.65
N ALA A 807 33.93 12.06 -22.24
CA ALA A 807 34.09 13.13 -21.30
C ALA A 807 34.06 12.73 -19.83
N ARG A 808 33.97 11.46 -19.58
CA ARG A 808 33.81 10.94 -18.26
C ARG A 808 35.12 11.01 -17.45
N THR A 809 35.00 10.94 -16.15
CA THR A 809 36.15 11.06 -15.24
C THR A 809 36.26 9.75 -14.43
N ALA A 810 37.43 9.12 -14.43
CA ALA A 810 37.63 7.93 -13.67
C ALA A 810 37.70 8.20 -12.15
N ALA A 811 37.24 7.24 -11.37
CA ALA A 811 37.36 7.34 -9.94
C ALA A 811 38.84 7.13 -9.55
N THR A 812 39.27 7.80 -8.48
CA THR A 812 40.61 7.61 -7.90
C THR A 812 40.64 6.75 -6.65
N THR A 813 41.82 6.32 -6.23
CA THR A 813 41.97 5.50 -5.03
C THR A 813 42.34 6.37 -3.84
N THR A 814 42.25 7.68 -3.99
CA THR A 814 42.50 8.63 -2.91
C THR A 814 41.60 8.34 -1.72
N GLU A 815 42.18 8.30 -0.53
CA GLU A 815 41.50 7.87 0.70
C GLU A 815 40.51 8.94 1.15
N ASN A 816 39.32 8.54 1.66
CA ASN A 816 38.34 9.52 2.13
C ASN A 816 38.55 9.78 3.60
N HIS A 817 38.42 11.06 4.00
CA HIS A 817 38.58 11.46 5.40
C HIS A 817 37.36 12.13 6.04
N ASP A 818 36.25 12.26 5.30
CA ASP A 818 35.14 13.08 5.76
C ASP A 818 34.05 12.24 6.30
N GLY A 819 34.24 10.92 6.36
CA GLY A 819 33.20 10.07 6.83
C GLY A 819 32.12 9.63 5.84
N LYS A 820 32.18 10.11 4.61
CA LYS A 820 31.17 9.80 3.60
C LYS A 820 31.65 8.67 2.67
N VAL A 821 30.72 7.78 2.30
CA VAL A 821 30.94 6.74 1.34
C VAL A 821 30.93 7.29 -0.10
N LEU A 822 29.80 7.88 -0.53
CA LEU A 822 29.72 8.45 -1.83
C LEU A 822 30.02 9.91 -1.76
N HIS A 823 30.57 10.44 -2.86
CA HIS A 823 30.85 11.83 -3.01
C HIS A 823 30.37 12.32 -4.36
N SER A 824 29.69 13.45 -4.38
CA SER A 824 29.10 13.98 -5.60
C SER A 824 30.17 14.82 -6.33
N ASN A 825 30.81 14.19 -7.32
CA ASN A 825 31.86 14.85 -8.06
C ASN A 825 31.84 14.29 -9.48
N ALA A 826 32.83 14.64 -10.28
CA ALA A 826 32.79 14.31 -11.70
C ALA A 826 32.83 12.80 -11.89
N ALA A 827 33.56 12.07 -11.05
CA ALA A 827 33.57 10.63 -11.18
C ALA A 827 32.24 9.94 -10.89
N LEU A 828 31.55 10.34 -9.84
CA LEU A 828 30.23 9.74 -9.58
C LEU A 828 29.23 10.14 -10.67
N ASP A 829 29.23 11.41 -11.07
CA ASP A 829 28.38 12.00 -12.16
C ASP A 829 28.58 11.28 -13.50
N SER A 830 29.73 10.67 -13.67
CA SER A 830 30.04 9.83 -14.85
C SER A 830 29.28 8.53 -14.90
N ASN A 831 28.58 8.13 -13.82
CA ASN A 831 27.78 6.94 -13.87
C ASN A 831 26.40 7.20 -14.47
N LEU A 832 25.75 6.15 -14.83
CA LEU A 832 24.45 6.18 -15.41
C LEU A 832 23.78 4.86 -15.12
N ILE A 833 22.57 4.91 -14.54
CA ILE A 833 21.84 3.73 -14.11
C ILE A 833 20.68 3.48 -15.13
N TYR A 834 20.42 2.24 -15.43
CA TYR A 834 19.27 1.85 -16.22
C TYR A 834 18.33 0.94 -15.46
N GLU A 835 17.08 1.38 -15.23
CA GLU A 835 16.04 0.56 -14.62
C GLU A 835 15.42 -0.34 -15.74
N GLY A 836 15.88 -1.59 -15.76
CA GLY A 836 15.69 -2.52 -16.85
C GLY A 836 14.40 -3.32 -16.93
N PHE A 837 13.29 -2.72 -16.52
CA PHE A 837 11.98 -3.39 -16.60
C PHE A 837 10.84 -2.46 -16.50
N SER A 838 9.70 -2.98 -16.93
CA SER A 838 8.43 -2.36 -16.62
C SER A 838 7.43 -3.36 -15.90
N ASN A 839 6.52 -2.85 -15.08
CA ASN A 839 5.46 -3.75 -14.50
C ASN A 839 4.64 -4.41 -15.60
N PHE A 840 4.38 -3.69 -16.68
CA PHE A 840 3.34 -4.10 -17.62
C PHE A 840 3.86 -4.84 -18.81
N GLN A 841 5.14 -5.23 -18.79
CA GLN A 841 5.66 -6.20 -19.79
C GLN A 841 4.77 -7.40 -19.90
N PRO A 842 4.60 -7.94 -21.11
CA PRO A 842 3.82 -9.15 -21.25
C PRO A 842 4.63 -10.37 -20.85
N LYS A 843 3.95 -11.50 -20.57
CA LYS A 843 4.68 -12.77 -20.44
C LYS A 843 5.31 -13.17 -21.73
N ALA A 844 6.51 -13.69 -21.61
CA ALA A 844 7.26 -14.17 -22.74
C ALA A 844 6.62 -15.43 -23.31
N THR A 845 6.63 -15.56 -24.63
CA THR A 845 6.00 -16.75 -25.19
C THR A 845 7.01 -17.80 -25.64
N THR A 846 8.30 -17.43 -25.63
CA THR A 846 9.39 -18.29 -26.04
C THR A 846 10.60 -17.95 -25.14
N HIS A 847 11.56 -18.87 -25.09
CA HIS A 847 12.77 -18.66 -24.38
C HIS A 847 13.44 -17.38 -24.88
N ASP A 848 13.47 -17.17 -26.19
CA ASP A 848 14.19 -16.00 -26.70
C ASP A 848 13.57 -14.66 -26.35
N GLU A 849 12.34 -14.65 -25.88
CA GLU A 849 11.64 -13.40 -25.52
C GLU A 849 11.77 -13.08 -24.05
N LEU A 850 12.25 -14.03 -23.27
CA LEU A 850 12.46 -13.80 -21.89
C LEU A 850 13.40 -12.61 -21.61
N THR A 851 13.00 -11.74 -20.71
CA THR A 851 13.75 -10.54 -20.43
C THR A 851 15.22 -10.83 -20.23
N ASN A 852 15.54 -11.80 -19.37
CA ASN A 852 16.93 -12.07 -18.99
C ASN A 852 17.78 -12.54 -20.13
N VAL A 853 17.12 -13.23 -21.05
CA VAL A 853 17.78 -13.67 -22.30
C VAL A 853 18.07 -12.51 -23.20
N VAL A 854 17.10 -11.61 -23.34
CA VAL A 854 17.24 -10.44 -24.22
C VAL A 854 18.24 -9.45 -23.66
N ILE A 855 18.25 -9.26 -22.34
CA ILE A 855 19.26 -8.36 -21.77
C ILE A 855 20.68 -8.87 -22.07
N ALA A 856 20.94 -10.12 -21.76
CA ALA A 856 22.24 -10.70 -22.02
C ALA A 856 22.70 -10.47 -23.47
N LYS A 857 21.77 -10.65 -24.42
CA LYS A 857 22.07 -10.53 -25.81
C LYS A 857 22.41 -9.13 -26.17
N ASN A 858 21.75 -8.15 -25.55
CA ASN A 858 21.98 -6.77 -25.82
C ASN A 858 22.95 -6.08 -24.88
N ALA A 859 23.77 -6.80 -24.15
CA ALA A 859 24.68 -6.15 -23.15
C ALA A 859 25.51 -5.02 -23.74
N ASP A 860 26.03 -5.19 -24.96
CA ASP A 860 26.88 -4.17 -25.54
CA ASP A 860 26.88 -4.16 -25.58
C ASP A 860 26.11 -2.88 -25.90
N VAL A 861 24.83 -3.02 -26.17
CA VAL A 861 23.99 -1.86 -26.45
C VAL A 861 23.97 -0.91 -25.25
N PHE A 862 23.80 -1.47 -24.07
CA PHE A 862 23.77 -0.65 -22.84
C PHE A 862 25.14 -0.04 -22.56
N ASN A 863 26.23 -0.77 -22.77
CA ASN A 863 27.58 -0.24 -22.58
C ASN A 863 27.79 0.95 -23.53
N ASN A 864 27.26 0.86 -24.75
CA ASN A 864 27.53 1.89 -25.72
C ASN A 864 26.73 3.15 -25.39
N TRP A 865 25.61 2.99 -24.72
CA TRP A 865 24.83 4.16 -24.24
C TRP A 865 25.50 4.78 -23.03
N GLY A 866 26.50 4.14 -22.46
CA GLY A 866 27.08 4.66 -21.28
C GLY A 866 26.45 4.20 -19.98
N ILE A 867 25.62 3.19 -20.02
CA ILE A 867 25.13 2.62 -18.77
C ILE A 867 26.31 2.02 -17.99
N THR A 868 26.43 2.37 -16.70
CA THR A 868 27.45 1.80 -15.82
C THR A 868 26.86 0.90 -14.75
N SER A 869 25.57 1.02 -14.49
CA SER A 869 24.89 0.22 -13.48
C SER A 869 23.53 -0.19 -14.04
N PHE A 870 23.31 -1.49 -14.11
CA PHE A 870 22.10 -2.07 -14.59
C PHE A 870 21.27 -2.54 -13.44
N GLU A 871 20.17 -1.85 -13.26
CA GLU A 871 19.20 -2.19 -12.19
C GLU A 871 18.17 -3.15 -12.75
N MET A 872 18.30 -4.39 -12.34
CA MET A 872 17.44 -5.43 -12.73
C MET A 872 16.21 -5.41 -11.85
N ALA A 873 15.13 -5.91 -12.42
CA ALA A 873 13.93 -6.16 -11.65
C ALA A 873 14.25 -7.07 -10.44
N PRO A 874 13.42 -7.01 -9.39
CA PRO A 874 13.45 -8.02 -8.33
C PRO A 874 13.25 -9.41 -8.99
N GLN A 875 14.12 -10.37 -8.68
CA GLN A 875 14.16 -11.63 -9.43
C GLN A 875 13.41 -12.76 -8.69
N TYR A 876 12.67 -12.41 -7.65
CA TYR A 876 12.05 -13.41 -6.79
C TYR A 876 10.79 -13.95 -7.50
N ARG A 877 10.43 -15.18 -7.26
CA ARG A 877 9.18 -15.78 -7.88
C ARG A 877 7.94 -15.11 -7.31
N SER A 878 7.09 -14.68 -8.18
CA SER A 878 5.88 -14.01 -7.80
C SER A 878 4.93 -14.96 -7.09
N SER A 879 4.24 -14.43 -6.08
CA SER A 879 3.22 -15.21 -5.41
C SER A 879 2.01 -15.50 -6.32
N GLY A 880 1.75 -14.68 -7.31
CA GLY A 880 0.73 -14.99 -8.32
C GLY A 880 -0.70 -14.77 -7.78
N ASP A 881 -0.83 -14.21 -6.58
CA ASP A 881 -2.11 -14.33 -5.87
C ASP A 881 -3.11 -13.25 -6.20
N HIS A 882 -2.73 -12.25 -7.00
CA HIS A 882 -3.65 -11.19 -7.45
C HIS A 882 -4.15 -10.23 -6.36
N THR A 883 -3.50 -10.22 -5.21
CA THR A 883 -3.95 -9.35 -4.11
C THR A 883 -3.44 -7.97 -4.13
N PHE A 884 -2.54 -7.72 -5.08
CA PHE A 884 -2.06 -6.40 -5.40
C PHE A 884 -1.52 -6.44 -6.82
N LEU A 885 -1.32 -5.27 -7.40
CA LEU A 885 -0.77 -5.16 -8.76
C LEU A 885 0.47 -5.96 -8.97
N ASP A 886 1.39 -5.90 -8.00
CA ASP A 886 2.66 -6.67 -8.11
C ASP A 886 2.49 -8.17 -8.27
N SER A 887 1.43 -8.73 -7.67
CA SER A 887 1.20 -10.19 -7.78
C SER A 887 0.12 -10.52 -8.82
N THR A 888 -0.28 -9.53 -9.61
CA THR A 888 -1.17 -9.69 -10.77
C THR A 888 -0.32 -9.64 -12.04
N ILE A 889 0.64 -8.71 -12.18
CA ILE A 889 1.52 -8.70 -13.35
C ILE A 889 2.87 -9.33 -13.03
N ASP A 890 3.04 -9.95 -11.85
CA ASP A 890 4.24 -10.75 -11.51
C ASP A 890 5.61 -10.08 -11.71
N ASN A 891 5.77 -8.89 -11.12
CA ASN A 891 6.98 -8.13 -11.34
C ASN A 891 8.15 -8.53 -10.50
N GLY A 892 7.92 -9.38 -9.51
CA GLY A 892 8.93 -9.83 -8.56
C GLY A 892 8.91 -9.19 -7.17
N TYR A 893 8.09 -8.14 -6.96
CA TYR A 893 7.99 -7.46 -5.68
C TYR A 893 7.08 -8.14 -4.66
N ALA A 894 6.18 -9.02 -5.16
CA ALA A 894 5.26 -9.78 -4.31
C ALA A 894 5.65 -11.23 -4.41
N PHE A 895 6.21 -11.78 -3.36
CA PHE A 895 6.76 -13.12 -3.40
C PHE A 895 6.50 -13.78 -2.07
N THR A 896 6.60 -15.11 -2.05
CA THR A 896 6.50 -15.94 -0.84
C THR A 896 7.87 -16.40 -0.37
N ASP A 897 8.66 -16.82 -1.34
CA ASP A 897 9.98 -17.45 -1.10
C ASP A 897 11.07 -16.56 -1.63
N ARG A 898 11.70 -15.84 -0.76
CA ARG A 898 12.60 -14.83 -1.22
C ARG A 898 13.93 -15.33 -1.75
N TYR A 899 14.14 -16.64 -1.63
CA TYR A 899 15.34 -17.29 -2.11
C TYR A 899 15.18 -17.93 -3.47
N ASP A 900 13.94 -17.96 -3.97
CA ASP A 900 13.64 -18.62 -5.24
C ASP A 900 13.72 -17.60 -6.40
N LEU A 901 14.83 -17.56 -7.14
CA LEU A 901 15.01 -16.61 -8.19
C LEU A 901 14.85 -17.28 -9.56
N GLY A 902 14.02 -18.29 -9.66
CA GLY A 902 13.71 -18.92 -10.91
C GLY A 902 14.22 -20.36 -10.97
N PHE A 903 14.34 -21.05 -9.86
CA PHE A 903 14.77 -22.45 -9.93
C PHE A 903 13.64 -23.35 -10.48
N ASN A 904 13.96 -24.30 -11.36
CA ASN A 904 12.97 -25.32 -11.83
C ASN A 904 12.13 -24.75 -12.94
N THR A 905 11.31 -23.71 -12.68
CA THR A 905 10.54 -23.07 -13.67
C THR A 905 10.89 -21.54 -13.58
N PRO A 906 10.81 -20.84 -14.67
CA PRO A 906 11.26 -19.47 -14.70
C PRO A 906 10.33 -18.53 -13.91
N THR A 907 10.85 -17.44 -13.43
CA THR A 907 10.02 -16.31 -13.03
C THR A 907 9.44 -15.65 -14.29
N LYS A 908 8.94 -14.45 -14.18
CA LYS A 908 8.56 -13.72 -15.39
C LYS A 908 9.80 -13.42 -16.32
N TYR A 909 10.98 -13.32 -15.72
CA TYR A 909 12.16 -12.92 -16.42
C TYR A 909 13.10 -14.01 -16.93
N GLY A 910 12.97 -15.22 -16.41
CA GLY A 910 13.79 -16.35 -16.82
C GLY A 910 14.03 -17.28 -15.65
N THR A 911 14.96 -18.23 -15.85
CA THR A 911 15.31 -19.20 -14.84
C THR A 911 16.53 -18.73 -14.08
N ASP A 912 16.95 -19.44 -13.05
CA ASP A 912 18.19 -19.06 -12.34
C ASP A 912 19.43 -19.08 -13.23
N GLY A 913 19.46 -20.02 -14.17
CA GLY A 913 20.49 -20.14 -15.19
C GLY A 913 20.52 -18.95 -16.12
N ASP A 914 19.31 -18.51 -16.55
CA ASP A 914 19.22 -17.30 -17.38
C ASP A 914 19.72 -16.07 -16.59
N LEU A 915 19.36 -15.94 -15.32
CA LEU A 915 19.88 -14.84 -14.55
C LEU A 915 21.39 -14.81 -14.40
N ARG A 916 22.00 -15.93 -14.03
CA ARG A 916 23.47 -15.99 -13.98
C ARG A 916 24.05 -15.51 -15.28
N ALA A 917 23.49 -15.93 -16.41
CA ALA A 917 24.03 -15.61 -17.69
C ALA A 917 23.90 -14.14 -17.96
N THR A 918 22.81 -13.53 -17.51
CA THR A 918 22.61 -12.08 -17.67
C THR A 918 23.62 -11.30 -16.88
N ILE A 919 23.76 -11.63 -15.60
CA ILE A 919 24.73 -10.93 -14.74
C ILE A 919 26.20 -11.03 -15.32
N GLN A 920 26.59 -12.24 -15.75
CA GLN A 920 27.85 -12.42 -16.48
C GLN A 920 28.03 -11.53 -17.71
N ALA A 921 27.01 -11.50 -18.55
CA ALA A 921 27.05 -10.71 -19.77
C ALA A 921 27.17 -9.26 -19.42
N LEU A 922 26.42 -8.77 -18.42
CA LEU A 922 26.54 -7.38 -18.06
C LEU A 922 27.92 -7.05 -17.51
N HIS A 923 28.41 -7.90 -16.64
CA HIS A 923 29.76 -7.77 -16.11
C HIS A 923 30.86 -7.74 -17.24
N HIS A 924 30.74 -8.64 -18.21
CA HIS A 924 31.68 -8.65 -19.36
C HIS A 924 31.56 -7.41 -20.24
N ALA A 925 30.43 -6.71 -20.15
CA ALA A 925 30.22 -5.39 -20.83
C ALA A 925 30.41 -4.19 -19.91
N ASN A 926 31.18 -4.40 -18.86
CA ASN A 926 31.62 -3.33 -17.98
CA ASN A 926 31.60 -3.38 -17.92
C ASN A 926 30.51 -2.58 -17.21
N MET A 927 29.51 -3.31 -16.73
CA MET A 927 28.48 -2.77 -15.87
C MET A 927 28.47 -3.48 -14.54
N GLN A 928 28.07 -2.76 -13.51
CA GLN A 928 27.69 -3.38 -12.28
C GLN A 928 26.20 -3.75 -12.34
N VAL A 929 25.76 -4.69 -11.50
CA VAL A 929 24.38 -5.16 -11.52
C VAL A 929 23.75 -5.12 -10.14
N MET A 930 22.57 -4.50 -10.09
CA MET A 930 21.93 -4.10 -8.82
C MET A 930 20.83 -5.10 -8.43
N ALA A 931 20.90 -5.61 -7.20
CA ALA A 931 19.87 -6.48 -6.61
C ALA A 931 18.80 -5.62 -5.93
N ASP A 932 17.53 -5.85 -6.20
CA ASP A 932 16.45 -5.10 -5.56
C ASP A 932 16.11 -5.85 -4.31
N VAL A 933 16.48 -5.27 -3.18
CA VAL A 933 16.34 -5.89 -1.90
C VAL A 933 15.00 -5.44 -1.30
N VAL A 934 14.14 -6.42 -1.05
CA VAL A 934 12.77 -6.15 -0.68
C VAL A 934 12.54 -6.74 0.73
N ASP A 935 12.92 -5.99 1.75
CA ASP A 935 12.86 -6.52 3.12
C ASP A 935 11.46 -6.22 3.75
N ASN A 936 10.62 -5.41 3.14
CA ASN A 936 9.44 -4.96 3.83
C ASN A 936 8.37 -6.08 4.12
N GLN A 937 8.12 -6.97 3.15
CA GLN A 937 6.96 -7.82 3.27
C GLN A 937 7.17 -9.16 2.55
N VAL A 938 6.26 -10.10 2.84
CA VAL A 938 6.15 -11.37 2.19
C VAL A 938 4.63 -11.62 1.90
N TYR A 939 4.32 -12.32 0.81
CA TYR A 939 2.93 -12.52 0.42
C TYR A 939 2.58 -14.01 0.51
N ASN A 940 1.31 -14.25 0.69
CA ASN A 940 0.72 -15.60 0.43
C ASN A 940 1.26 -16.75 1.28
N LEU A 941 1.30 -16.56 2.58
CA LEU A 941 1.77 -17.60 3.46
C LEU A 941 0.52 -18.43 3.89
N PRO A 942 0.53 -19.74 3.63
CA PRO A 942 -0.74 -20.51 3.77
C PRO A 942 -1.07 -20.96 5.16
N GLY A 943 -0.11 -21.08 6.05
CA GLY A 943 -0.41 -21.66 7.37
C GLY A 943 -0.99 -20.62 8.30
N LYS A 944 -1.95 -21.02 9.14
CA LYS A 944 -2.73 -20.05 9.89
C LYS A 944 -2.24 -20.03 11.34
N GLU A 945 -2.34 -18.86 12.01
CA GLU A 945 -2.02 -18.74 13.44
C GLU A 945 -3.01 -17.77 13.99
N VAL A 946 -3.06 -17.62 15.29
CA VAL A 946 -3.93 -16.67 15.95
C VAL A 946 -3.05 -15.65 16.63
N VAL A 947 -3.31 -14.36 16.38
CA VAL A 947 -2.52 -13.25 16.94
C VAL A 947 -3.48 -12.16 17.33
N SER A 948 -3.14 -11.39 18.35
CA SER A 948 -3.87 -10.20 18.71
C SER A 948 -3.66 -9.08 17.68
N ALA A 949 -4.72 -8.48 17.23
CA ALA A 949 -4.73 -7.51 16.14
C ALA A 949 -5.53 -6.28 16.44
N THR A 950 -5.07 -5.13 15.95
CA THR A 950 -5.84 -3.90 15.91
C THR A 950 -5.70 -3.24 14.56
N ARG A 951 -6.70 -2.50 14.12
CA ARG A 951 -6.61 -1.80 12.85
C ARG A 951 -5.57 -0.70 12.95
N ALA A 952 -4.74 -0.55 11.92
CA ALA A 952 -3.63 0.39 11.91
C ALA A 952 -3.47 0.94 10.50
N GLY A 953 -2.88 2.12 10.40
CA GLY A 953 -2.52 2.70 9.09
C GLY A 953 -1.04 2.55 8.77
N VAL A 954 -0.59 3.18 7.69
CA VAL A 954 0.83 3.00 7.23
C VAL A 954 1.82 3.40 8.24
N GLY A 956 1.77 2.86 11.33
CA GLY A 956 1.88 1.92 12.42
C GLY A 956 1.00 2.34 13.61
N ASN A 957 0.35 3.49 13.43
CA ASN A 957 -0.62 4.17 14.29
C ASN A 957 -1.91 3.28 14.45
N ASP A 958 -2.34 2.96 15.66
CA ASP A 958 -3.67 2.38 15.93
C ASP A 958 -4.78 3.24 15.41
N ASP A 959 -5.68 2.67 14.62
CA ASP A 959 -6.83 3.37 14.17
C ASP A 959 -7.90 3.10 15.26
N ALA A 960 -8.72 4.08 15.53
CA ALA A 960 -9.80 3.99 16.51
C ALA A 960 -11.01 3.48 15.71
N THR A 961 -11.24 2.15 15.64
CA THR A 961 -12.36 1.62 14.84
C THR A 961 -13.12 0.61 15.71
N GLY A 962 -14.30 0.29 15.24
CA GLY A 962 -15.19 -0.70 15.86
C GLY A 962 -14.62 -2.09 16.04
N PHE A 963 -13.63 -2.48 15.19
CA PHE A 963 -12.94 -3.73 15.33
C PHE A 963 -12.27 -3.84 16.72
N GLY A 964 -11.88 -2.72 17.32
CA GLY A 964 -11.14 -2.79 18.58
C GLY A 964 -9.82 -3.58 18.48
N THR A 965 -9.56 -4.45 19.45
CA THR A 965 -8.43 -5.33 19.45
C THR A 965 -8.98 -6.71 19.66
N GLN A 966 -8.65 -7.65 18.76
CA GLN A 966 -9.26 -8.95 18.75
C GLN A 966 -8.18 -9.96 18.40
N LEU A 967 -8.32 -11.15 18.94
CA LEU A 967 -7.56 -12.29 18.40
C LEU A 967 -8.02 -12.54 16.98
N TYR A 968 -7.08 -12.89 16.12
CA TYR A 968 -7.33 -12.93 14.70
C TYR A 968 -6.60 -14.07 14.04
N VAL A 969 -7.29 -14.72 13.11
CA VAL A 969 -6.69 -15.83 12.38
C VAL A 969 -5.94 -15.22 11.16
N THR A 970 -4.60 -15.35 11.14
CA THR A 970 -3.72 -14.74 10.15
C THR A 970 -3.15 -15.82 9.24
N ASN A 971 -2.82 -15.41 8.03
CA ASN A 971 -2.17 -16.24 7.02
C ASN A 971 -0.65 -15.96 7.10
N SER A 972 0.04 -16.60 8.04
CA SER A 972 1.33 -16.11 8.49
C SER A 972 2.43 -17.11 8.42
N VAL A 973 2.16 -18.37 8.00
CA VAL A 973 3.22 -19.40 8.11
C VAL A 973 3.53 -19.95 6.74
N GLY A 974 4.82 -19.91 6.37
CA GLY A 974 5.24 -20.48 5.08
C GLY A 974 6.57 -19.89 4.61
N GLY A 975 6.79 -19.97 3.28
CA GLY A 975 8.06 -19.59 2.70
C GLY A 975 8.21 -20.42 1.43
N GLY A 976 8.88 -21.53 1.50
CA GLY A 976 9.02 -22.32 0.32
C GLY A 976 10.31 -23.02 0.45
N GLN A 977 10.58 -23.83 -0.57
CA GLN A 977 11.69 -24.79 -0.61
C GLN A 977 13.08 -24.11 -0.47
N TYR A 978 13.22 -22.91 -1.07
CA TYR A 978 14.52 -22.30 -1.15
C TYR A 978 14.84 -21.56 0.12
N GLN A 979 13.85 -20.98 0.72
CA GLN A 979 13.99 -20.49 2.06
C GLN A 979 14.39 -21.56 3.07
N GLU A 980 13.73 -22.70 2.94
CA GLU A 980 14.13 -23.82 3.82
C GLU A 980 15.53 -24.26 3.61
N LYS A 981 15.99 -24.25 2.36
CA LYS A 981 17.33 -24.65 2.02
C LYS A 981 18.40 -23.63 2.45
N TYR A 982 18.13 -22.33 2.20
CA TYR A 982 19.20 -21.33 2.35
C TYR A 982 19.11 -20.43 3.59
N ALA A 983 17.94 -20.28 4.19
CA ALA A 983 17.82 -19.28 5.29
C ALA A 983 18.68 -19.68 6.45
N GLY A 984 19.38 -18.70 7.00
CA GLY A 984 20.30 -18.91 8.08
C GLY A 984 21.58 -19.70 7.80
N GLN A 985 21.77 -20.21 6.59
CA GLN A 985 22.88 -21.13 6.26
CA GLN A 985 22.87 -21.11 6.34
C GLN A 985 24.24 -20.43 6.31
N TYR A 986 24.29 -19.10 6.07
CA TYR A 986 25.52 -18.31 6.03
C TYR A 986 25.94 -17.65 7.33
N LEU A 987 25.08 -17.66 8.33
CA LEU A 987 25.30 -16.77 9.48
C LEU A 987 26.50 -17.17 10.34
N GLU A 988 26.72 -18.45 10.58
CA GLU A 988 27.87 -18.85 11.40
C GLU A 988 29.17 -18.47 10.68
N ALA A 989 29.28 -18.73 9.38
CA ALA A 989 30.39 -18.24 8.62
C ALA A 989 30.51 -16.70 8.59
N LEU A 990 29.40 -15.98 8.45
CA LEU A 990 29.45 -14.51 8.51
C LEU A 990 29.92 -13.98 9.85
N LYS A 991 29.51 -14.59 10.92
CA LYS A 991 29.97 -14.15 12.22
C LYS A 991 31.43 -14.49 12.47
N ALA A 992 31.94 -15.51 11.82
CA ALA A 992 33.35 -15.78 11.94
C ALA A 992 34.19 -14.79 11.12
N LYS A 993 33.65 -14.36 10.01
CA LYS A 993 34.38 -13.50 9.12
C LYS A 993 34.19 -12.04 9.43
N TYR A 994 32.96 -11.66 9.80
CA TYR A 994 32.65 -10.22 10.09
C TYR A 994 31.92 -10.13 11.42
N PRO A 995 32.63 -10.37 12.52
CA PRO A 995 31.94 -10.45 13.80
C PRO A 995 31.29 -9.15 14.23
N ASP A 996 31.85 -8.03 13.81
CA ASP A 996 31.26 -6.72 14.05
C ASP A 996 29.77 -6.61 13.69
N LEU A 997 29.33 -7.28 12.61
CA LEU A 997 27.91 -7.20 12.18
C LEU A 997 26.92 -7.75 13.20
N PHE A 998 27.38 -8.71 14.03
CA PHE A 998 26.54 -9.34 15.03
C PHE A 998 26.55 -8.65 16.40
N GLU A 999 27.39 -7.66 16.54
CA GLU A 999 27.41 -6.85 17.74
C GLU A 999 26.38 -5.71 17.71
N GLY A 1000 26.03 -5.23 18.90
CA GLY A 1000 25.40 -3.95 19.09
C GLY A 1000 26.32 -2.82 18.65
N LYS A 1001 25.72 -1.68 18.38
CA LYS A 1001 26.50 -0.55 17.85
C LYS A 1001 25.71 0.73 17.88
N ALA A 1002 26.39 1.80 18.32
CA ALA A 1002 25.85 3.13 18.37
C ALA A 1002 25.98 3.72 16.97
N TYR A 1003 24.97 4.45 16.53
CA TYR A 1003 25.06 5.12 15.24
C TYR A 1003 24.21 6.39 15.25
N ASP A 1004 24.47 7.25 14.26
CA ASP A 1004 23.74 8.50 14.09
C ASP A 1004 22.93 8.46 12.79
N TYR A 1005 21.85 9.22 12.72
CA TYR A 1005 21.10 9.37 11.48
C TYR A 1005 20.34 10.65 11.50
N TRP A 1006 20.04 11.17 10.32
CA TRP A 1006 19.21 12.40 10.16
C TRP A 1006 17.75 12.04 10.27
N TYR A 1007 17.01 12.91 10.96
CA TYR A 1007 15.62 12.70 11.26
C TYR A 1007 14.86 13.90 10.78
N LYS A 1008 13.82 13.64 10.00
CA LYS A 1008 13.03 14.69 9.42
C LYS A 1008 11.89 15.07 10.38
N ASN A 1009 11.85 16.35 10.73
CA ASN A 1009 10.84 16.92 11.65
C ASN A 1009 9.88 17.79 10.88
N TYR A 1010 8.61 17.64 11.13
CA TYR A 1010 7.60 18.53 10.50
C TYR A 1010 7.24 19.66 11.46
N ALA A 1011 7.10 20.85 10.90
CA ALA A 1011 6.62 22.03 11.65
C ALA A 1011 5.07 22.04 11.61
N ASN A 1012 4.46 22.53 12.67
CA ASN A 1012 2.99 22.67 12.73
C ASN A 1012 2.50 23.95 12.01
N ASP A 1013 3.31 24.99 12.11
CA ASP A 1013 3.01 26.35 11.62
C ASP A 1013 3.31 26.52 10.14
N GLY A 1014 3.25 25.45 9.35
CA GLY A 1014 3.44 25.58 7.90
C GLY A 1014 4.85 25.81 7.33
N SER A 1015 5.84 26.10 8.15
CA SER A 1015 7.20 26.31 7.63
C SER A 1015 7.80 24.95 7.18
N ASN A 1016 8.94 24.99 6.51
CA ASN A 1016 9.57 23.79 5.95
C ASN A 1016 9.94 22.70 6.99
N PRO A 1017 9.85 21.41 6.60
CA PRO A 1017 10.49 20.43 7.53
C PRO A 1017 11.96 20.68 7.72
N TYR A 1018 12.50 20.24 8.85
CA TYR A 1018 13.87 20.48 9.22
C TYR A 1018 14.45 19.17 9.79
N TYR A 1019 15.76 19.02 9.70
CA TYR A 1019 16.44 17.74 10.07
C TYR A 1019 17.20 17.88 11.37
N THR A 1020 17.09 16.92 12.24
CA THR A 1020 17.92 16.88 13.44
C THR A 1020 18.67 15.56 13.47
N LEU A 1021 19.77 15.56 14.22
CA LEU A 1021 20.67 14.42 14.34
C LEU A 1021 20.19 13.50 15.43
N SER A 1022 19.69 12.33 15.07
CA SER A 1022 19.26 11.36 16.04
C SER A 1022 20.38 10.32 16.29
N HIS A 1023 20.30 9.63 17.41
CA HIS A 1023 21.25 8.56 17.79
C HIS A 1023 20.49 7.23 17.88
N GLY A 1024 21.07 6.16 17.38
CA GLY A 1024 20.47 4.85 17.46
C GLY A 1024 21.44 3.91 18.13
N ASP A 1025 20.94 2.78 18.60
CA ASP A 1025 21.78 1.74 19.18
C ASP A 1025 21.23 0.44 18.72
N ARG A 1026 21.80 -0.16 17.69
CA ARG A 1026 21.27 -1.44 17.24
C ARG A 1026 21.69 -2.52 18.29
N GLU A 1027 20.92 -3.57 18.37
CA GLU A 1027 21.19 -4.68 19.29
C GLU A 1027 22.17 -5.65 18.70
N SER A 1028 22.73 -6.50 19.55
CA SER A 1028 23.47 -7.66 19.09
C SER A 1028 22.46 -8.64 18.54
N ILE A 1029 22.88 -9.50 17.61
CA ILE A 1029 22.00 -10.43 16.96
C ILE A 1029 22.63 -11.81 16.96
N PRO A 1030 21.81 -12.85 16.96
CA PRO A 1030 22.33 -14.21 17.00
C PRO A 1030 22.70 -14.71 15.63
N ALA A 1031 23.57 -15.70 15.57
CA ALA A 1031 23.93 -16.37 14.32
C ALA A 1031 23.36 -17.79 14.23
N ASP A 1032 22.71 -18.27 15.29
CA ASP A 1032 22.30 -19.69 15.39
C ASP A 1032 20.82 -19.96 15.37
N VAL A 1033 19.99 -18.98 15.01
CA VAL A 1033 18.58 -19.19 14.80
C VAL A 1033 18.22 -18.91 13.32
N ALA A 1034 17.77 -19.91 12.59
CA ALA A 1034 17.41 -19.74 11.20
C ALA A 1034 15.91 -19.46 11.05
N ILE A 1035 15.51 -18.62 10.11
CA ILE A 1035 14.05 -18.47 9.81
C ILE A 1035 13.76 -19.32 8.60
N LYS A 1036 13.58 -20.62 8.82
CA LYS A 1036 13.39 -21.54 7.66
C LYS A 1036 11.97 -21.41 7.05
N GLN A 1037 11.01 -20.97 7.86
CA GLN A 1037 9.71 -20.52 7.40
C GLN A 1037 9.29 -19.36 8.28
N TRP A 1038 8.58 -18.43 7.67
CA TRP A 1038 8.05 -17.29 8.38
C TRP A 1038 6.93 -17.76 9.33
N SER A 1039 6.65 -16.95 10.36
CA SER A 1039 5.53 -17.08 11.21
C SER A 1039 5.25 -15.72 11.83
N ALA A 1040 4.10 -15.61 12.49
CA ALA A 1040 3.62 -14.33 12.97
C ALA A 1040 4.50 -13.65 13.98
N LYS A 1041 5.29 -14.43 14.74
CA LYS A 1041 6.17 -13.84 15.72
C LYS A 1041 7.28 -12.99 15.07
N TYR A 1042 7.55 -13.20 13.79
CA TYR A 1042 8.54 -12.40 13.03
C TYR A 1042 7.90 -11.29 12.17
N MET A 1043 6.60 -11.07 12.30
CA MET A 1043 5.85 -10.10 11.52
C MET A 1043 5.32 -8.96 12.42
N ASN A 1044 5.21 -7.78 11.86
CA ASN A 1044 4.52 -6.65 12.55
C ASN A 1044 3.01 -6.71 12.38
N GLY A 1045 2.55 -7.27 11.30
CA GLY A 1045 1.11 -7.19 10.98
C GLY A 1045 0.81 -7.69 9.58
N THR A 1046 -0.39 -7.43 9.11
CA THR A 1046 -0.95 -7.98 7.84
C THR A 1046 -1.92 -7.00 7.28
N ASN A 1047 -2.09 -7.05 5.97
CA ASN A 1047 -3.20 -6.38 5.38
C ASN A 1047 -4.51 -7.08 5.91
N VAL A 1048 -5.61 -6.33 5.99
CA VAL A 1048 -6.90 -6.90 6.42
C VAL A 1048 -7.32 -8.10 5.57
N LEU A 1049 -7.86 -9.13 6.21
CA LEU A 1049 -8.19 -10.37 5.51
C LEU A 1049 -9.68 -10.60 5.38
N GLY A 1050 -10.49 -9.79 6.05
CA GLY A 1050 -11.98 -9.94 5.87
C GLY A 1050 -12.67 -11.03 6.69
N ASN A 1051 -11.98 -11.63 7.66
CA ASN A 1051 -12.57 -12.70 8.49
C ASN A 1051 -13.59 -12.21 9.47
N GLY A 1052 -13.53 -10.94 9.84
CA GLY A 1052 -14.43 -10.34 10.79
C GLY A 1052 -13.83 -10.08 12.15
N MET A 1053 -14.46 -9.20 12.93
CA MET A 1053 -14.04 -9.08 14.34
C MET A 1053 -14.20 -10.29 15.25
N GLY A 1054 -15.07 -11.25 14.93
CA GLY A 1054 -15.42 -12.29 15.85
C GLY A 1054 -15.27 -13.66 15.28
N TYR A 1055 -14.35 -13.80 14.33
CA TYR A 1055 -14.13 -15.14 13.72
C TYR A 1055 -13.48 -16.09 14.70
N VAL A 1056 -12.61 -15.59 15.57
CA VAL A 1056 -12.11 -16.37 16.65
C VAL A 1056 -13.15 -16.24 17.78
N LEU A 1057 -13.74 -17.35 18.18
CA LEU A 1057 -14.93 -17.31 19.09
C LEU A 1057 -14.60 -16.94 20.52
N LYS A 1058 -15.40 -16.05 21.07
CA LYS A 1058 -15.31 -15.73 22.46
C LYS A 1058 -16.72 -15.48 23.00
N ASP A 1059 -16.81 -15.44 24.33
CA ASP A 1059 -18.01 -14.93 25.04
C ASP A 1059 -18.03 -13.42 24.98
N TRP A 1060 -18.94 -12.86 24.24
CA TRP A 1060 -19.01 -11.43 24.08
C TRP A 1060 -19.59 -10.72 25.32
N HIS A 1061 -20.10 -11.50 26.30
CA HIS A 1061 -20.65 -10.86 27.51
C HIS A 1061 -19.45 -10.47 28.37
N ASN A 1062 -18.41 -11.29 28.43
CA ASN A 1062 -17.25 -10.96 29.31
C ASN A 1062 -15.89 -10.89 28.63
N GLY A 1063 -15.84 -10.98 27.30
CA GLY A 1063 -14.56 -10.84 26.61
C GLY A 1063 -13.71 -12.10 26.68
N GLN A 1064 -14.20 -13.18 27.25
CA GLN A 1064 -13.39 -14.36 27.39
C GLN A 1064 -13.32 -15.33 26.21
N TYR A 1065 -12.10 -15.60 25.74
CA TYR A 1065 -11.89 -16.45 24.58
C TYR A 1065 -11.99 -17.90 24.97
N PHE A 1066 -12.58 -18.69 24.10
CA PHE A 1066 -12.53 -20.11 24.21
C PHE A 1066 -11.18 -20.63 23.81
N LYS A 1067 -10.64 -21.53 24.59
CA LYS A 1067 -9.37 -22.10 24.24
C LYS A 1067 -9.21 -23.51 24.76
N LEU A 1068 -8.76 -24.41 23.91
CA LEU A 1068 -8.73 -25.81 24.25
C LEU A 1068 -7.68 -26.20 25.24
#